data_4M48
#
_entry.id   4M48
#
_cell.length_a   97.839
_cell.length_b   133.684
_cell.length_c   162.443
_cell.angle_alpha   90.00
_cell.angle_beta   90.00
_cell.angle_gamma   90.00
#
_symmetry.space_group_name_H-M   'P 21 21 21'
#
loop_
_entity.id
_entity.type
_entity.pdbx_description
1 polymer Transporter
2 polymer '9D5 antibody, light chain'
3 polymer '9D5 antibody, heavy chain'
4 non-polymer 'SODIUM ION'
5 non-polymer 'CHLORIDE ION'
6 non-polymer Nortriptyline
7 non-polymer CHOLESTEROL
8 water water
#
loop_
_entity_poly.entity_id
_entity_poly.type
_entity_poly.pdbx_seq_one_letter_code
_entity_poly.pdbx_strand_id
1 'polypeptide(L)'
;MNSISDERETWSGKVDFLLSVIGFAVDLANVWRFPYLCYKNGGGAFLVPYGIMLAVGGIPLFYMELALGQHNRKGAITCW
GRLVPLFKGIGYAVVLIAFYVDFYYNVIIAWSLRFFFASFTNSLPWTSCNNIWNTPNCRPFESQGFQSAASEYFNRYILE
LNRSEGIHDLGAIKWDMALCLLIVYLICYFSLWKGISTSGKVVWFTALFPYAALLILLIRGLTLPGSFLGIQYYLTPNFS
AIYKAEVWADAATQVFFSLGPGFGVLLAYASYNKYHNNVYKDALLTSFINSATSFIAGFVIFSVLGYMAHTLGVRIEDVA
TEGPGLVFVVYPAAIATMPASTFWALIFFMMLATLGLDSSFGGSEAIITALSDEFPKIKRNRELFVAGLFSLYFVVGLAS
CTQGGFYFFHLLDRYAAGYSILVAVFFEAIAVSWIYGTNRFSEDIRDMIGFPPGRYWQVCWRFVAPIFLLFITVYLLIGY
EPLTYADYVYPSWANALGWCIAGSSVVMIPAVAIFKLLSTPGSLRQRFTILTTPWRDQQLVPR
;
A
2 'polypeptide(L)'
;MDFQVQIFSFLLISASVAMSRGENVLTQSPAIMSTSPGEKVTMTCRASSSVGSSYLHWYQQKSGASPKLWIYSTSNLASG
VPARFSGSGSGTSYSLTISSVEAEDAATYYCQQFSGYPLTFGSGTKLEMKRADAAPTVSIFPPSSEQLTSGGASVVCFLN
NFYPKDINVKWKIDGSERQNGVLNSWTDQDSKDSTYSMSSTLTLTKDEYERHNSYTCEATHKTSTSPIVKSFNRNEC
;
L
3 'polypeptide(L)'
;MNFGLRLVFLVLILKGVQCEVQLVESGGGLVKPGGSLKLSCAASGFTFSSYAMSWVRQSPEKRLEWVAEISSGGRYIYYS
DTVTGRFTISRDNARNILHLEMSSLRSEDTAMYYCARGEVRQRGFDYWGQGTTLTVSSAKTTAPSVYPLAPVCGDTTGSS
VTLGCLVKGYFPEPVTLTWNSGSLSSGVHTFPAVLQSDLYTLSSSVTVTSSTWPSQSITCNVAHPASSTKVDKKIEPRGP
;
H
#
# COMPACT_ATOMS: atom_id res chain seq x y z
N ASP A 6 9.91 -8.21 -19.81
CA ASP A 6 8.49 -8.15 -19.49
C ASP A 6 8.11 -6.78 -18.90
N GLU A 7 9.01 -5.82 -19.01
CA GLU A 7 8.72 -4.44 -18.63
C GLU A 7 7.90 -3.77 -19.73
N ARG A 8 6.62 -3.56 -19.45
CA ARG A 8 5.68 -3.04 -20.44
C ARG A 8 5.63 -1.52 -20.38
N GLU A 9 4.85 -0.92 -21.28
CA GLU A 9 4.72 0.53 -21.30
C GLU A 9 3.96 0.99 -20.07
N THR A 10 4.02 2.29 -19.81
CA THR A 10 3.35 2.87 -18.64
C THR A 10 2.71 4.20 -19.01
N TRP A 11 1.76 4.64 -18.19
CA TRP A 11 1.09 5.92 -18.40
C TRP A 11 2.09 7.07 -18.33
N SER A 12 2.03 7.96 -19.32
CA SER A 12 2.96 9.09 -19.38
C SER A 12 2.52 10.22 -18.47
N GLY A 13 2.06 9.87 -17.28
CA GLY A 13 1.47 10.81 -16.35
C GLY A 13 0.23 10.20 -15.72
N LYS A 14 0.07 10.39 -14.42
CA LYS A 14 -1.06 9.82 -13.69
C LYS A 14 -2.43 10.27 -14.21
N VAL A 15 -2.64 11.59 -14.29
CA VAL A 15 -3.88 12.18 -14.77
C VAL A 15 -4.44 11.49 -16.01
N ASP A 16 -3.54 11.06 -16.91
CA ASP A 16 -3.93 10.30 -18.09
C ASP A 16 -4.74 9.09 -17.68
N PHE A 17 -4.14 8.26 -16.84
CA PHE A 17 -4.81 7.07 -16.32
C PHE A 17 -6.11 7.46 -15.64
N LEU A 18 -6.05 8.47 -14.78
CA LEU A 18 -7.23 8.91 -14.03
C LEU A 18 -8.36 9.30 -14.97
N LEU A 19 -8.09 10.22 -15.88
CA LEU A 19 -9.10 10.69 -16.83
C LEU A 19 -9.58 9.56 -17.74
N SER A 20 -8.72 8.57 -17.95
CA SER A 20 -9.11 7.40 -18.73
C SER A 20 -10.15 6.57 -17.99
N VAL A 21 -9.90 6.35 -16.70
CA VAL A 21 -10.84 5.63 -15.86
C VAL A 21 -12.12 6.46 -15.64
N ILE A 22 -11.96 7.75 -15.40
CA ILE A 22 -13.11 8.64 -15.23
C ILE A 22 -13.96 8.60 -16.51
N GLY A 23 -13.31 8.79 -17.64
CA GLY A 23 -13.97 8.79 -18.93
C GLY A 23 -14.74 7.52 -19.20
N PHE A 24 -14.13 6.37 -18.94
CA PHE A 24 -14.78 5.08 -19.11
C PHE A 24 -16.01 4.93 -18.21
N ALA A 25 -15.88 5.36 -16.96
CA ALA A 25 -16.95 5.18 -15.99
C ALA A 25 -18.13 6.09 -16.30
N VAL A 26 -17.83 7.34 -16.62
CA VAL A 26 -18.87 8.34 -16.80
C VAL A 26 -19.34 8.40 -18.24
N ASP A 27 -20.55 7.94 -18.50
CA ASP A 27 -21.13 7.98 -19.84
C ASP A 27 -22.57 8.49 -19.79
N LEU A 28 -23.37 8.13 -20.78
CA LEU A 28 -24.72 8.65 -20.90
C LEU A 28 -25.64 8.11 -19.81
N ALA A 29 -25.25 6.99 -19.23
CA ALA A 29 -26.03 6.38 -18.15
C ALA A 29 -26.12 7.32 -16.95
N ASN A 30 -25.04 8.05 -16.69
CA ASN A 30 -25.01 9.04 -15.63
C ASN A 30 -26.05 10.13 -15.86
N VAL A 31 -26.40 10.32 -17.13
CA VAL A 31 -27.33 11.38 -17.51
C VAL A 31 -28.74 10.84 -17.71
N TRP A 32 -28.88 9.76 -18.47
CA TRP A 32 -30.20 9.31 -18.89
C TRP A 32 -30.78 8.14 -18.10
N ARG A 33 -30.15 7.80 -16.98
CA ARG A 33 -30.62 6.68 -16.18
C ARG A 33 -30.66 6.97 -14.67
N PHE A 34 -29.59 7.53 -14.13
CA PHE A 34 -29.51 7.83 -12.69
C PHE A 34 -30.56 8.83 -12.18
N PRO A 35 -30.66 10.03 -12.80
CA PRO A 35 -31.65 10.99 -12.30
C PRO A 35 -33.09 10.47 -12.42
N TYR A 36 -33.36 9.63 -13.41
CA TYR A 36 -34.68 9.03 -13.55
C TYR A 36 -34.97 8.10 -12.39
N LEU A 37 -33.96 7.35 -11.96
CA LEU A 37 -34.11 6.37 -10.88
C LEU A 37 -34.31 7.05 -9.53
N CYS A 38 -33.68 8.21 -9.35
CA CYS A 38 -33.92 9.03 -8.15
C CYS A 38 -35.37 9.45 -8.14
N TYR A 39 -35.81 10.03 -9.26
CA TYR A 39 -37.19 10.46 -9.43
C TYR A 39 -38.20 9.35 -9.16
N LYS A 40 -38.05 8.25 -9.88
CA LYS A 40 -38.96 7.13 -9.77
C LYS A 40 -38.99 6.54 -8.36
N ASN A 41 -37.85 6.52 -7.70
CA ASN A 41 -37.73 5.80 -6.43
C ASN A 41 -37.53 6.65 -5.18
N GLY A 42 -38.31 7.73 -5.07
CA GLY A 42 -38.37 8.47 -3.82
C GLY A 42 -37.42 9.64 -3.67
N GLY A 43 -36.91 10.14 -4.79
CA GLY A 43 -36.06 11.32 -4.78
C GLY A 43 -34.83 11.17 -3.92
N GLY A 44 -34.65 12.11 -3.00
CA GLY A 44 -33.49 12.10 -2.11
C GLY A 44 -33.35 10.80 -1.33
N ALA A 45 -34.47 10.15 -1.06
CA ALA A 45 -34.47 8.90 -0.32
C ALA A 45 -33.76 7.79 -1.09
N PHE A 46 -33.79 7.87 -2.42
CA PHE A 46 -33.14 6.86 -3.25
C PHE A 46 -31.62 6.85 -3.07
N LEU A 47 -31.09 7.96 -2.57
CA LEU A 47 -29.65 8.08 -2.33
C LEU A 47 -29.15 7.11 -1.25
N VAL A 48 -30.07 6.62 -0.43
CA VAL A 48 -29.71 5.68 0.62
C VAL A 48 -29.41 4.27 0.09
N PRO A 49 -30.38 3.63 -0.60
CA PRO A 49 -30.00 2.30 -1.11
C PRO A 49 -28.89 2.43 -2.17
N TYR A 50 -28.90 3.52 -2.92
CA TYR A 50 -27.83 3.78 -3.89
C TYR A 50 -26.48 3.88 -3.22
N GLY A 51 -26.39 4.66 -2.15
CA GLY A 51 -25.15 4.82 -1.41
C GLY A 51 -24.66 3.52 -0.79
N ILE A 52 -25.57 2.80 -0.14
CA ILE A 52 -25.22 1.54 0.50
C ILE A 52 -24.78 0.51 -0.53
N MET A 53 -25.51 0.39 -1.63
CA MET A 53 -25.13 -0.52 -2.69
C MET A 53 -23.79 -0.09 -3.29
N LEU A 54 -23.56 1.22 -3.36
CA LEU A 54 -22.30 1.74 -3.86
C LEU A 54 -21.17 1.43 -2.90
N ALA A 55 -21.47 1.47 -1.61
CA ALA A 55 -20.47 1.29 -0.56
C ALA A 55 -20.04 -0.17 -0.38
N VAL A 56 -20.94 -1.10 -0.64
CA VAL A 56 -20.66 -2.51 -0.37
C VAL A 56 -20.65 -3.39 -1.63
N GLY A 57 -21.08 -2.84 -2.75
CA GLY A 57 -21.15 -3.61 -3.99
C GLY A 57 -20.22 -3.11 -5.08
N GLY A 58 -20.52 -1.93 -5.62
CA GLY A 58 -19.77 -1.37 -6.74
C GLY A 58 -18.31 -1.10 -6.43
N ILE A 59 -18.08 -0.20 -5.47
CA ILE A 59 -16.72 0.22 -5.12
C ILE A 59 -15.76 -0.92 -4.77
N PRO A 60 -16.21 -1.93 -3.99
CA PRO A 60 -15.27 -3.03 -3.74
C PRO A 60 -14.86 -3.73 -5.03
N LEU A 61 -15.83 -4.00 -5.90
CA LEU A 61 -15.55 -4.64 -7.18
C LEU A 61 -14.72 -3.73 -8.10
N PHE A 62 -15.00 -2.44 -8.04
CA PHE A 62 -14.30 -1.43 -8.81
C PHE A 62 -12.82 -1.48 -8.44
N TYR A 63 -12.58 -1.35 -7.14
CA TYR A 63 -11.28 -1.50 -6.47
C TYR A 63 -10.59 -2.79 -6.90
N MET A 64 -11.22 -3.93 -6.58
CA MET A 64 -10.71 -5.26 -6.92
C MET A 64 -10.08 -5.39 -8.31
N GLU A 65 -10.82 -4.97 -9.35
CA GLU A 65 -10.33 -5.10 -10.71
C GLU A 65 -9.16 -4.16 -10.95
N LEU A 66 -9.19 -2.98 -10.34
CA LEU A 66 -8.12 -2.03 -10.53
C LEU A 66 -6.83 -2.57 -9.93
N ALA A 67 -6.94 -3.20 -8.77
CA ALA A 67 -5.79 -3.79 -8.10
C ALA A 67 -5.30 -5.00 -8.89
N LEU A 68 -6.22 -5.84 -9.33
CA LEU A 68 -5.89 -6.97 -10.19
C LEU A 68 -5.14 -6.52 -11.44
N GLY A 69 -5.50 -5.36 -11.96
CA GLY A 69 -4.85 -4.80 -13.13
C GLY A 69 -3.43 -4.36 -12.84
N GLN A 70 -3.28 -3.49 -11.86
CA GLN A 70 -1.97 -2.93 -11.52
C GLN A 70 -1.01 -4.02 -11.06
N HIS A 71 -1.54 -5.05 -10.41
CA HIS A 71 -0.71 -6.12 -9.87
C HIS A 71 -0.15 -7.05 -10.94
N ASN A 72 -1.04 -7.59 -11.77
CA ASN A 72 -0.65 -8.62 -12.73
C ASN A 72 -0.04 -8.10 -14.05
N ARG A 73 -0.16 -6.79 -14.30
CA ARG A 73 0.49 -6.13 -15.45
C ARG A 73 0.09 -6.72 -16.81
N LYS A 74 -1.04 -7.42 -16.85
CA LYS A 74 -1.50 -8.07 -18.07
C LYS A 74 -2.99 -7.79 -18.33
N GLY A 75 -3.42 -7.99 -19.57
CA GLY A 75 -4.81 -7.78 -19.95
C GLY A 75 -5.70 -8.91 -19.45
N ALA A 76 -6.99 -8.80 -19.72
CA ALA A 76 -8.01 -9.73 -19.21
C ALA A 76 -7.71 -11.23 -19.39
N ILE A 77 -7.46 -11.66 -20.62
CA ILE A 77 -7.25 -13.07 -20.91
C ILE A 77 -6.04 -13.62 -20.15
N THR A 78 -4.92 -12.93 -20.26
CA THR A 78 -3.69 -13.36 -19.63
C THR A 78 -3.76 -13.23 -18.10
N CYS A 79 -4.33 -12.13 -17.63
CA CYS A 79 -4.42 -11.89 -16.19
C CYS A 79 -5.18 -13.00 -15.49
N TRP A 80 -6.40 -13.27 -15.94
CA TRP A 80 -7.23 -14.29 -15.33
C TRP A 80 -6.63 -15.68 -15.50
N GLY A 81 -5.98 -15.89 -16.64
CA GLY A 81 -5.27 -17.13 -16.91
C GLY A 81 -4.17 -17.41 -15.89
N ARG A 82 -3.44 -16.36 -15.53
CA ARG A 82 -2.38 -16.45 -14.54
C ARG A 82 -2.94 -16.50 -13.13
N LEU A 83 -3.97 -15.70 -12.88
CA LEU A 83 -4.62 -15.71 -11.58
C LEU A 83 -5.12 -17.11 -11.26
N VAL A 84 -5.96 -17.63 -12.15
CA VAL A 84 -6.43 -19.01 -12.05
C VAL A 84 -6.49 -19.64 -13.45
N PRO A 85 -5.60 -20.63 -13.69
CA PRO A 85 -5.57 -21.32 -14.98
C PRO A 85 -6.91 -21.95 -15.35
N LEU A 86 -7.65 -22.43 -14.36
CA LEU A 86 -8.94 -23.07 -14.59
C LEU A 86 -9.96 -22.09 -15.15
N PHE A 87 -10.07 -20.92 -14.53
CA PHE A 87 -11.07 -19.93 -14.95
C PHE A 87 -10.48 -18.89 -15.89
N LYS A 88 -9.63 -19.33 -16.80
CA LYS A 88 -9.01 -18.41 -17.75
C LYS A 88 -10.03 -17.92 -18.77
N GLY A 89 -11.05 -18.74 -19.02
CA GLY A 89 -12.09 -18.42 -19.98
C GLY A 89 -12.89 -17.18 -19.62
N ILE A 90 -12.81 -16.78 -18.35
CA ILE A 90 -13.36 -15.52 -17.89
C ILE A 90 -12.77 -14.36 -18.71
N GLY A 91 -11.45 -14.37 -18.85
CA GLY A 91 -10.78 -13.39 -19.67
C GLY A 91 -11.35 -13.35 -21.07
N TYR A 92 -11.62 -14.52 -21.64
CA TYR A 92 -12.20 -14.59 -22.98
C TYR A 92 -13.63 -14.07 -22.96
N ALA A 93 -14.40 -14.49 -21.96
CA ALA A 93 -15.79 -14.05 -21.81
C ALA A 93 -15.90 -12.54 -21.70
N VAL A 94 -14.94 -11.92 -21.02
CA VAL A 94 -14.96 -10.47 -20.87
C VAL A 94 -14.62 -9.79 -22.19
N VAL A 95 -13.60 -10.29 -22.87
CA VAL A 95 -13.15 -9.71 -24.14
C VAL A 95 -14.23 -9.70 -25.22
N LEU A 96 -14.95 -10.81 -25.39
CA LEU A 96 -15.97 -10.83 -26.43
C LEU A 96 -17.21 -9.98 -26.07
N ILE A 97 -17.51 -9.84 -24.78
CA ILE A 97 -18.57 -8.97 -24.35
C ILE A 97 -18.26 -7.54 -24.75
N ALA A 98 -17.02 -7.13 -24.47
CA ALA A 98 -16.50 -5.84 -24.91
C ALA A 98 -16.58 -5.77 -26.43
N PHE A 99 -16.37 -6.93 -27.05
CA PHE A 99 -16.40 -7.01 -28.51
C PHE A 99 -17.82 -6.83 -29.06
N TYR A 100 -18.80 -7.45 -28.41
CA TYR A 100 -20.19 -7.31 -28.82
C TYR A 100 -20.72 -5.90 -28.62
N VAL A 101 -20.42 -5.30 -27.48
CA VAL A 101 -20.93 -3.97 -27.16
C VAL A 101 -20.46 -2.94 -28.18
N ASP A 102 -19.24 -3.10 -28.69
CA ASP A 102 -18.70 -2.17 -29.67
C ASP A 102 -19.53 -2.10 -30.96
N PHE A 103 -20.32 -3.14 -31.20
CA PHE A 103 -21.17 -3.18 -32.38
C PHE A 103 -22.37 -2.25 -32.30
N TYR A 104 -22.87 -2.01 -31.09
CA TYR A 104 -24.07 -1.21 -30.94
C TYR A 104 -23.89 0.08 -30.15
N TYR A 105 -22.97 0.06 -29.18
CA TYR A 105 -22.77 1.20 -28.30
C TYR A 105 -22.35 2.44 -29.10
N ASN A 106 -21.50 2.22 -30.10
CA ASN A 106 -20.95 3.33 -30.87
C ASN A 106 -21.96 4.10 -31.70
N VAL A 107 -23.07 3.45 -32.05
CA VAL A 107 -24.08 4.11 -32.87
C VAL A 107 -24.77 5.22 -32.10
N ILE A 108 -24.70 5.17 -30.76
CA ILE A 108 -25.28 6.22 -29.94
C ILE A 108 -24.47 7.50 -30.12
N ILE A 109 -23.15 7.35 -30.18
CA ILE A 109 -22.27 8.47 -30.46
C ILE A 109 -22.53 8.97 -31.87
N ALA A 110 -22.87 8.04 -32.75
CA ALA A 110 -23.16 8.38 -34.15
C ALA A 110 -24.39 9.28 -34.21
N TRP A 111 -25.40 8.97 -33.40
CA TRP A 111 -26.59 9.80 -33.30
C TRP A 111 -26.27 11.16 -32.71
N SER A 112 -25.31 11.20 -31.79
CA SER A 112 -24.92 12.43 -31.13
C SER A 112 -24.36 13.43 -32.12
N LEU A 113 -23.39 12.99 -32.93
CA LEU A 113 -22.77 13.86 -33.92
C LEU A 113 -23.80 14.33 -34.95
N ARG A 114 -24.72 13.45 -35.30
CA ARG A 114 -25.76 13.77 -36.28
C ARG A 114 -26.58 14.97 -35.82
N PHE A 115 -27.02 14.97 -34.57
CA PHE A 115 -27.75 16.09 -34.01
C PHE A 115 -26.84 17.30 -33.89
N PHE A 116 -25.56 17.07 -33.66
CA PHE A 116 -24.59 18.14 -33.58
C PHE A 116 -24.47 18.84 -34.95
N PHE A 117 -24.47 18.03 -36.02
CA PHE A 117 -24.43 18.56 -37.38
C PHE A 117 -25.76 19.19 -37.78
N ALA A 118 -26.85 18.68 -37.20
CA ALA A 118 -28.18 19.21 -37.49
C ALA A 118 -28.46 20.52 -36.75
N SER A 119 -27.64 20.83 -35.74
CA SER A 119 -27.84 22.03 -34.94
C SER A 119 -27.11 23.24 -35.50
N PHE A 120 -26.58 23.10 -36.72
CA PHE A 120 -25.99 24.25 -37.40
C PHE A 120 -27.05 25.02 -38.18
N THR A 121 -28.05 25.51 -37.45
CA THR A 121 -29.15 26.25 -38.04
C THR A 121 -29.68 27.30 -37.07
N ASN A 122 -30.37 28.29 -37.63
CA ASN A 122 -30.92 29.41 -36.88
C ASN A 122 -32.24 29.01 -36.22
N SER A 123 -32.90 28.00 -36.79
CA SER A 123 -34.08 27.40 -36.19
C SER A 123 -33.93 25.88 -36.20
N LEU A 124 -33.86 25.29 -35.01
CA LEU A 124 -33.67 23.85 -34.86
C LEU A 124 -34.81 23.08 -35.51
N PRO A 125 -34.46 22.08 -36.34
CA PRO A 125 -35.40 21.40 -37.23
C PRO A 125 -36.42 20.51 -36.53
N TRP A 126 -36.34 20.40 -35.21
CA TRP A 126 -37.23 19.51 -34.47
C TRP A 126 -38.24 20.27 -33.62
N THR A 127 -38.49 21.53 -33.97
CA THR A 127 -39.41 22.36 -33.21
C THR A 127 -40.85 22.23 -33.67
N SER A 128 -41.05 22.30 -34.99
CA SER A 128 -42.37 22.43 -35.58
C SER A 128 -43.00 21.11 -35.95
N CYS A 129 -44.30 21.14 -36.24
CA CYS A 129 -45.02 19.93 -36.66
C CYS A 129 -45.47 20.04 -38.11
N ASN A 130 -45.03 21.09 -38.80
CA ASN A 130 -45.46 21.33 -40.18
C ASN A 130 -44.38 21.01 -41.19
N ASN A 131 -43.61 19.95 -40.90
CA ASN A 131 -42.56 19.51 -41.81
C ASN A 131 -42.98 18.29 -42.60
N ILE A 132 -42.16 17.93 -43.58
CA ILE A 132 -42.48 16.84 -44.50
C ILE A 132 -42.62 15.48 -43.79
N TRP A 133 -41.91 15.33 -42.67
CA TRP A 133 -41.85 14.06 -41.96
C TRP A 133 -42.90 13.94 -40.85
N ASN A 134 -43.85 14.86 -40.80
CA ASN A 134 -44.81 14.89 -39.71
C ASN A 134 -46.14 14.21 -39.99
N THR A 135 -46.88 13.92 -38.92
CA THR A 135 -48.18 13.27 -39.01
C THR A 135 -49.19 14.10 -38.25
N PRO A 136 -50.49 13.90 -38.52
CA PRO A 136 -51.52 14.62 -37.77
C PRO A 136 -51.48 14.35 -36.27
N ASN A 137 -50.79 13.31 -35.85
CA ASN A 137 -50.69 12.99 -34.43
C ASN A 137 -49.65 13.83 -33.72
N CYS A 138 -48.94 14.67 -34.46
CA CYS A 138 -47.84 15.47 -33.90
C CYS A 138 -48.35 16.66 -33.08
N ARG A 139 -47.70 16.87 -31.95
CA ARG A 139 -47.95 18.03 -31.11
C ARG A 139 -46.61 18.67 -30.75
N PRO A 140 -46.61 19.97 -30.41
CA PRO A 140 -45.34 20.66 -30.14
C PRO A 140 -44.51 20.07 -29.00
N PHE A 141 -45.17 19.49 -28.00
CA PHE A 141 -44.45 18.86 -26.89
C PHE A 141 -45.10 17.54 -26.45
N GLU A 142 -44.44 16.84 -25.53
CA GLU A 142 -44.90 15.53 -25.07
C GLU A 142 -46.33 15.58 -24.53
N SER A 143 -47.15 14.60 -24.92
CA SER A 143 -48.53 14.51 -24.47
C SER A 143 -49.08 13.10 -24.64
N GLN A 144 -49.81 12.62 -23.64
CA GLN A 144 -50.40 11.28 -23.68
C GLN A 144 -51.43 11.17 -24.80
N GLY A 145 -51.22 10.21 -25.70
CA GLY A 145 -52.13 10.00 -26.81
C GLY A 145 -51.64 10.63 -28.11
N PHE A 146 -50.56 11.41 -28.00
CA PHE A 146 -50.00 12.08 -29.16
C PHE A 146 -48.49 11.84 -29.29
N GLN A 147 -47.90 12.37 -30.36
CA GLN A 147 -46.46 12.32 -30.56
C GLN A 147 -45.92 13.74 -30.54
N SER A 148 -44.66 13.91 -30.19
CA SER A 148 -44.07 15.24 -30.11
C SER A 148 -43.23 15.53 -31.33
N ALA A 149 -43.06 16.82 -31.63
CA ALA A 149 -42.28 17.25 -32.79
C ALA A 149 -40.85 16.73 -32.75
N ALA A 150 -40.25 16.70 -31.56
CA ALA A 150 -38.90 16.19 -31.41
C ALA A 150 -38.87 14.68 -31.57
N SER A 151 -39.96 14.02 -31.20
CA SER A 151 -40.05 12.58 -31.35
C SER A 151 -40.14 12.20 -32.82
N GLU A 152 -41.08 12.81 -33.54
CA GLU A 152 -41.28 12.54 -34.95
C GLU A 152 -40.07 12.93 -35.79
N TYR A 153 -39.30 13.89 -35.31
CA TYR A 153 -38.05 14.25 -35.96
C TYR A 153 -37.06 13.10 -35.82
N PHE A 154 -36.87 12.66 -34.57
CA PHE A 154 -35.90 11.62 -34.27
C PHE A 154 -36.32 10.30 -34.90
N ASN A 155 -37.62 10.09 -35.02
CA ASN A 155 -38.14 8.83 -35.52
C ASN A 155 -38.34 8.80 -37.04
N ARG A 156 -39.20 9.67 -37.53
CA ARG A 156 -39.56 9.65 -38.95
C ARG A 156 -38.51 10.28 -39.88
N TYR A 157 -37.60 11.06 -39.30
CA TYR A 157 -36.59 11.75 -40.10
C TYR A 157 -35.17 11.22 -39.92
N ILE A 158 -34.62 11.37 -38.72
CA ILE A 158 -33.27 10.90 -38.43
C ILE A 158 -33.17 9.39 -38.56
N LEU A 159 -34.06 8.68 -37.90
CA LEU A 159 -34.04 7.23 -37.91
C LEU A 159 -34.72 6.65 -39.15
N GLU A 160 -35.80 7.28 -39.59
CA GLU A 160 -36.71 6.71 -40.58
C GLU A 160 -37.16 5.31 -40.15
N LEU A 161 -37.34 5.16 -38.84
CA LEU A 161 -37.71 3.87 -38.26
C LEU A 161 -39.10 3.42 -38.70
N ASN A 162 -39.96 4.39 -39.05
CA ASN A 162 -41.34 4.11 -39.43
C ASN A 162 -41.47 3.24 -40.68
N ARG A 163 -40.38 3.17 -41.44
CA ARG A 163 -40.35 2.43 -42.70
C ARG A 163 -39.95 0.97 -42.53
N SER A 164 -39.43 0.62 -41.35
CA SER A 164 -39.12 -0.78 -41.05
C SER A 164 -40.29 -1.45 -40.36
N GLU A 165 -40.61 -2.67 -40.78
CA GLU A 165 -41.69 -3.44 -40.18
C GLU A 165 -41.14 -4.42 -39.16
N GLY A 166 -39.83 -4.36 -38.92
CA GLY A 166 -39.19 -5.26 -37.97
C GLY A 166 -37.70 -5.41 -38.20
N ILE A 167 -37.10 -6.38 -37.52
CA ILE A 167 -35.65 -6.59 -37.58
C ILE A 167 -35.26 -7.40 -38.82
N HIS A 168 -36.25 -8.08 -39.40
CA HIS A 168 -36.10 -8.75 -40.67
C HIS A 168 -36.04 -7.74 -41.82
N ASP A 169 -36.62 -6.56 -41.59
CA ASP A 169 -36.74 -5.53 -42.61
C ASP A 169 -35.88 -4.31 -42.28
N LEU A 170 -34.58 -4.42 -42.46
CA LEU A 170 -33.65 -3.33 -42.15
C LEU A 170 -33.87 -2.10 -43.04
N GLY A 171 -34.38 -2.32 -44.24
CA GLY A 171 -34.60 -1.22 -45.17
C GLY A 171 -33.31 -0.76 -45.82
N ALA A 172 -33.30 0.49 -46.29
CA ALA A 172 -32.14 1.05 -46.98
C ALA A 172 -31.07 1.49 -45.99
N ILE A 173 -30.01 2.11 -46.49
CA ILE A 173 -28.94 2.61 -45.61
C ILE A 173 -28.92 4.14 -45.55
N LYS A 174 -29.09 4.68 -44.35
CA LYS A 174 -28.98 6.12 -44.15
C LYS A 174 -27.51 6.53 -44.23
N TRP A 175 -27.10 7.07 -45.37
CA TRP A 175 -25.71 7.43 -45.59
C TRP A 175 -25.24 8.64 -44.79
N ASP A 176 -26.19 9.45 -44.34
CA ASP A 176 -25.84 10.54 -43.44
C ASP A 176 -25.47 9.96 -42.08
N MET A 177 -26.04 8.80 -41.76
CA MET A 177 -25.75 8.13 -40.50
C MET A 177 -24.47 7.32 -40.57
N ALA A 178 -24.31 6.58 -41.66
CA ALA A 178 -23.12 5.79 -41.88
C ALA A 178 -21.88 6.67 -41.82
N LEU A 179 -22.02 7.89 -42.36
CA LEU A 179 -20.94 8.86 -42.31
C LEU A 179 -20.55 9.18 -40.87
N CYS A 180 -21.56 9.49 -40.05
CA CYS A 180 -21.33 9.82 -38.63
C CYS A 180 -20.65 8.67 -37.89
N LEU A 181 -21.07 7.44 -38.21
CA LEU A 181 -20.50 6.26 -37.59
C LEU A 181 -19.05 6.09 -38.02
N LEU A 182 -18.78 6.41 -39.28
CA LEU A 182 -17.42 6.37 -39.81
C LEU A 182 -16.54 7.37 -39.08
N ILE A 183 -17.06 8.58 -38.89
CA ILE A 183 -16.35 9.62 -38.16
C ILE A 183 -16.03 9.17 -36.74
N VAL A 184 -16.99 8.52 -36.09
CA VAL A 184 -16.78 7.99 -34.75
C VAL A 184 -15.59 7.04 -34.71
N TYR A 185 -15.58 6.07 -35.61
CA TYR A 185 -14.47 5.12 -35.65
C TYR A 185 -13.15 5.77 -36.09
N LEU A 186 -13.22 6.84 -36.87
CA LEU A 186 -12.01 7.56 -37.25
C LEU A 186 -11.39 8.21 -36.02
N ILE A 187 -12.24 8.78 -35.17
CA ILE A 187 -11.81 9.34 -33.90
C ILE A 187 -11.32 8.24 -32.96
N CYS A 188 -12.06 7.14 -32.91
CA CYS A 188 -11.69 6.00 -32.07
C CYS A 188 -10.35 5.43 -32.49
N TYR A 189 -10.11 5.36 -33.79
CA TYR A 189 -8.87 4.82 -34.30
C TYR A 189 -7.67 5.71 -33.96
N PHE A 190 -7.79 7.01 -34.23
CA PHE A 190 -6.69 7.93 -34.00
C PHE A 190 -6.63 8.44 -32.55
N SER A 191 -7.13 7.62 -31.62
CA SER A 191 -6.99 7.86 -30.20
C SER A 191 -6.36 6.64 -29.57
N LEU A 192 -6.58 5.49 -30.22
CA LEU A 192 -6.16 4.22 -29.66
C LEU A 192 -5.05 3.53 -30.44
N TRP A 193 -4.82 3.95 -31.68
CA TRP A 193 -3.89 3.25 -32.57
C TRP A 193 -2.44 3.29 -32.08
N LYS A 194 -2.11 4.32 -31.31
CA LYS A 194 -0.76 4.46 -30.76
C LYS A 194 -0.69 4.06 -29.30
N GLY A 195 -1.82 3.64 -28.74
CA GLY A 195 -1.86 3.19 -27.37
C GLY A 195 -2.15 4.30 -26.37
N ILE A 196 -1.67 4.13 -25.15
CA ILE A 196 -2.02 5.05 -24.07
C ILE A 196 -1.26 6.36 -24.16
N SER A 197 -0.20 6.37 -24.95
CA SER A 197 0.60 7.58 -25.13
C SER A 197 -0.23 8.69 -25.78
N THR A 198 -1.27 8.30 -26.51
CA THR A 198 -2.17 9.25 -27.15
C THR A 198 -3.53 9.28 -26.47
N SER A 199 -4.08 8.10 -26.21
CA SER A 199 -5.40 7.99 -25.59
C SER A 199 -5.41 8.64 -24.21
N GLY A 200 -4.25 8.65 -23.56
CA GLY A 200 -4.07 9.33 -22.29
C GLY A 200 -4.19 10.84 -22.40
N LYS A 201 -4.23 11.33 -23.64
CA LYS A 201 -4.39 12.76 -23.92
C LYS A 201 -5.78 13.09 -24.50
N VAL A 202 -6.27 12.21 -25.36
CA VAL A 202 -7.60 12.41 -25.94
C VAL A 202 -8.66 12.45 -24.84
N VAL A 203 -8.40 11.72 -23.74
CA VAL A 203 -9.30 11.74 -22.59
C VAL A 203 -9.27 13.07 -21.87
N TRP A 204 -8.25 13.88 -22.11
CA TRP A 204 -8.19 15.21 -21.50
C TRP A 204 -9.32 16.08 -22.04
N PHE A 205 -9.81 15.74 -23.23
CA PHE A 205 -10.92 16.46 -23.82
C PHE A 205 -12.24 15.72 -23.58
N THR A 206 -12.27 14.45 -23.99
CA THR A 206 -13.48 13.62 -23.91
C THR A 206 -13.98 13.42 -22.47
N ALA A 207 -13.10 13.51 -21.49
CA ALA A 207 -13.51 13.33 -20.10
C ALA A 207 -13.70 14.65 -19.37
N LEU A 208 -13.13 15.73 -19.91
CA LEU A 208 -13.24 17.03 -19.27
C LEU A 208 -14.33 17.91 -19.86
N PHE A 209 -14.52 17.84 -21.16
CA PHE A 209 -15.57 18.61 -21.81
C PHE A 209 -16.97 18.42 -21.20
N PRO A 210 -17.36 17.16 -20.87
CA PRO A 210 -18.67 16.99 -20.23
C PRO A 210 -18.85 17.83 -18.97
N TYR A 211 -17.78 18.06 -18.21
CA TYR A 211 -17.87 18.89 -17.01
C TYR A 211 -18.00 20.37 -17.36
N ALA A 212 -17.36 20.79 -18.44
CA ALA A 212 -17.52 22.16 -18.92
C ALA A 212 -18.97 22.36 -19.36
N ALA A 213 -19.47 21.42 -20.14
CA ALA A 213 -20.83 21.46 -20.67
C ALA A 213 -21.86 21.40 -19.55
N LEU A 214 -21.70 20.43 -18.66
CA LEU A 214 -22.61 20.27 -17.53
C LEU A 214 -22.68 21.54 -16.70
N LEU A 215 -21.55 22.24 -16.58
CA LEU A 215 -21.48 23.46 -15.79
C LEU A 215 -22.39 24.56 -16.33
N ILE A 216 -22.16 24.96 -17.58
CA ILE A 216 -22.93 26.02 -18.20
C ILE A 216 -24.39 25.61 -18.43
N LEU A 217 -24.65 24.31 -18.37
CA LEU A 217 -26.00 23.78 -18.44
C LEU A 217 -26.68 23.83 -17.07
N LEU A 218 -25.89 23.62 -16.01
CA LEU A 218 -26.42 23.79 -14.66
C LEU A 218 -26.84 25.24 -14.48
N ILE A 219 -25.99 26.14 -14.96
CA ILE A 219 -26.28 27.56 -14.88
C ILE A 219 -27.51 27.90 -15.70
N ARG A 220 -27.51 27.51 -16.97
CA ARG A 220 -28.63 27.76 -17.86
C ARG A 220 -29.92 27.12 -17.35
N GLY A 221 -29.81 25.90 -16.83
CA GLY A 221 -30.96 25.18 -16.32
C GLY A 221 -31.57 25.81 -15.08
N LEU A 222 -30.71 26.31 -14.18
CA LEU A 222 -31.17 26.90 -12.94
C LEU A 222 -31.80 28.27 -13.13
N THR A 223 -31.25 29.05 -14.06
CA THR A 223 -31.76 30.39 -14.36
C THR A 223 -33.16 30.35 -14.97
N LEU A 224 -33.52 29.22 -15.56
CA LEU A 224 -34.84 29.04 -16.17
C LEU A 224 -35.96 28.98 -15.12
N PRO A 225 -37.10 29.60 -15.41
CA PRO A 225 -38.26 29.60 -14.52
C PRO A 225 -38.86 28.21 -14.37
N GLY A 226 -39.13 27.80 -13.13
CA GLY A 226 -39.68 26.48 -12.88
C GLY A 226 -38.60 25.44 -12.57
N SER A 227 -37.35 25.89 -12.59
CA SER A 227 -36.24 24.99 -12.31
C SER A 227 -36.36 24.35 -10.93
N PHE A 228 -36.68 25.15 -9.91
CA PHE A 228 -36.79 24.62 -8.56
CA PHE A 228 -36.80 24.64 -8.55
C PHE A 228 -37.91 23.59 -8.44
N LEU A 229 -38.92 23.71 -9.29
CA LEU A 229 -40.00 22.73 -9.31
C LEU A 229 -39.43 21.38 -9.76
N GLY A 230 -38.50 21.43 -10.69
CA GLY A 230 -37.85 20.21 -11.17
C GLY A 230 -36.97 19.61 -10.10
N ILE A 231 -36.32 20.47 -9.33
CA ILE A 231 -35.47 20.04 -8.22
C ILE A 231 -36.31 19.27 -7.20
N GLN A 232 -37.55 19.71 -7.02
CA GLN A 232 -38.48 19.02 -6.14
C GLN A 232 -38.82 17.63 -6.67
N TYR A 233 -39.13 17.54 -7.95
CA TYR A 233 -39.41 16.24 -8.57
C TYR A 233 -38.19 15.32 -8.50
N TYR A 234 -37.01 15.92 -8.53
CA TYR A 234 -35.76 15.17 -8.52
C TYR A 234 -35.43 14.59 -7.14
N LEU A 235 -35.49 15.43 -6.10
CA LEU A 235 -34.98 15.04 -4.78
C LEU A 235 -35.95 15.19 -3.61
N THR A 236 -37.25 15.08 -3.84
CA THR A 236 -38.20 15.10 -2.73
C THR A 236 -38.23 13.74 -2.06
N PRO A 237 -37.77 13.69 -0.80
CA PRO A 237 -37.60 12.42 -0.08
C PRO A 237 -38.91 11.64 0.05
N ASN A 238 -38.83 10.33 -0.16
CA ASN A 238 -39.95 9.42 0.06
C ASN A 238 -39.42 8.09 0.58
N PHE A 239 -39.12 8.06 1.88
CA PHE A 239 -38.42 6.93 2.47
C PHE A 239 -39.23 5.63 2.51
N SER A 240 -40.43 5.67 1.96
CA SER A 240 -41.22 4.45 1.81
C SER A 240 -40.55 3.55 0.77
N ALA A 241 -39.76 4.17 -0.11
CA ALA A 241 -39.06 3.44 -1.16
C ALA A 241 -37.96 2.54 -0.58
N ILE A 242 -37.41 2.95 0.56
CA ILE A 242 -36.36 2.18 1.23
C ILE A 242 -36.84 0.76 1.54
N TYR A 243 -38.12 0.65 1.89
CA TYR A 243 -38.70 -0.64 2.25
C TYR A 243 -39.00 -1.50 1.03
N LYS A 244 -38.95 -0.90 -0.15
CA LYS A 244 -39.22 -1.62 -1.40
C LYS A 244 -37.97 -2.31 -1.95
N ALA A 245 -38.09 -3.60 -2.26
CA ALA A 245 -36.97 -4.39 -2.78
C ALA A 245 -36.59 -4.00 -4.21
N GLU A 246 -37.56 -3.50 -4.95
CA GLU A 246 -37.33 -3.06 -6.33
C GLU A 246 -36.41 -1.85 -6.37
N VAL A 247 -36.52 -0.99 -5.37
CA VAL A 247 -35.66 0.19 -5.25
C VAL A 247 -34.22 -0.22 -5.01
N TRP A 248 -34.01 -1.16 -4.10
CA TRP A 248 -32.68 -1.67 -3.80
C TRP A 248 -32.10 -2.39 -5.01
N ALA A 249 -32.98 -2.96 -5.82
CA ALA A 249 -32.57 -3.67 -7.02
C ALA A 249 -32.14 -2.71 -8.11
N ASP A 250 -32.89 -1.63 -8.28
CA ASP A 250 -32.53 -0.60 -9.26
C ASP A 250 -31.25 0.09 -8.82
N ALA A 251 -31.11 0.30 -7.51
CA ALA A 251 -29.92 0.91 -6.96
C ALA A 251 -28.70 0.04 -7.26
N ALA A 252 -28.83 -1.24 -6.96
CA ALA A 252 -27.74 -2.18 -7.17
C ALA A 252 -27.32 -2.26 -8.63
N THR A 253 -28.31 -2.39 -9.52
CA THR A 253 -28.06 -2.54 -10.95
C THR A 253 -27.40 -1.30 -11.52
N GLN A 254 -27.83 -0.14 -11.05
CA GLN A 254 -27.31 1.13 -11.54
C GLN A 254 -25.86 1.29 -11.13
N VAL A 255 -25.57 1.03 -9.86
CA VAL A 255 -24.21 1.12 -9.34
C VAL A 255 -23.26 0.22 -10.12
N PHE A 256 -23.69 -1.01 -10.36
CA PHE A 256 -22.86 -1.98 -11.06
C PHE A 256 -22.54 -1.54 -12.49
N PHE A 257 -23.57 -1.33 -13.29
CA PHE A 257 -23.36 -0.95 -14.69
C PHE A 257 -22.74 0.43 -14.88
N SER A 258 -22.91 1.33 -13.92
CA SER A 258 -22.36 2.69 -14.01
C SER A 258 -20.87 2.76 -13.68
N LEU A 259 -20.39 1.80 -12.90
CA LEU A 259 -18.96 1.72 -12.57
C LEU A 259 -18.25 0.77 -13.51
N GLY A 260 -18.99 -0.22 -14.01
CA GLY A 260 -18.45 -1.25 -14.87
C GLY A 260 -17.26 -2.02 -14.34
N PRO A 261 -17.36 -2.59 -13.12
CA PRO A 261 -16.19 -3.31 -12.63
C PRO A 261 -16.13 -4.73 -13.19
N GLY A 262 -14.93 -5.20 -13.46
CA GLY A 262 -14.74 -6.55 -13.97
C GLY A 262 -15.08 -6.66 -15.44
N PHE A 263 -15.15 -5.52 -16.13
CA PHE A 263 -15.50 -5.52 -17.54
C PHE A 263 -14.24 -5.64 -18.38
N GLY A 264 -13.09 -5.71 -17.71
CA GLY A 264 -11.82 -5.95 -18.37
C GLY A 264 -11.14 -4.71 -18.86
N VAL A 265 -11.75 -3.55 -18.60
CA VAL A 265 -11.21 -2.29 -19.08
C VAL A 265 -10.47 -1.55 -17.97
N LEU A 266 -11.03 -1.56 -16.76
CA LEU A 266 -10.33 -1.03 -15.60
C LEU A 266 -9.06 -1.83 -15.42
N LEU A 267 -9.19 -3.13 -15.57
CA LEU A 267 -8.07 -4.06 -15.57
C LEU A 267 -6.99 -3.66 -16.57
N ALA A 268 -7.41 -3.39 -17.81
CA ALA A 268 -6.48 -3.02 -18.87
C ALA A 268 -5.73 -1.74 -18.53
N TYR A 269 -6.50 -0.71 -18.14
CA TYR A 269 -5.93 0.59 -17.84
C TYR A 269 -4.92 0.50 -16.69
N ALA A 270 -5.27 -0.28 -15.68
CA ALA A 270 -4.44 -0.43 -14.49
C ALA A 270 -3.20 -1.28 -14.77
N SER A 271 -3.26 -2.12 -15.79
CA SER A 271 -2.13 -2.96 -16.15
C SER A 271 -0.93 -2.12 -16.58
N TYR A 272 -1.19 -0.87 -16.97
CA TYR A 272 -0.13 0.02 -17.42
C TYR A 272 0.38 0.92 -16.31
N ASN A 273 -0.25 0.83 -15.15
CA ASN A 273 0.21 1.57 -13.98
C ASN A 273 1.55 1.07 -13.49
N LYS A 274 2.20 1.85 -12.64
CA LYS A 274 3.41 1.41 -11.96
C LYS A 274 3.01 0.48 -10.82
N TYR A 275 3.84 -0.51 -10.53
CA TYR A 275 3.50 -1.56 -9.57
C TYR A 275 3.17 -1.00 -8.17
N HIS A 276 3.94 -0.01 -7.74
CA HIS A 276 3.82 0.53 -6.38
C HIS A 276 2.95 1.76 -6.33
N ASN A 277 2.03 1.86 -7.27
CA ASN A 277 1.11 2.99 -7.34
C ASN A 277 -0.04 2.81 -6.38
N ASN A 278 -0.49 3.91 -5.77
CA ASN A 278 -1.58 3.83 -4.80
C ASN A 278 -2.93 3.69 -5.47
N VAL A 279 -3.23 2.48 -5.92
CA VAL A 279 -4.44 2.25 -6.69
C VAL A 279 -5.70 2.40 -5.82
N TYR A 280 -5.52 2.26 -4.51
CA TYR A 280 -6.63 2.42 -3.57
C TYR A 280 -7.21 3.83 -3.62
N LYS A 281 -6.34 4.83 -3.60
CA LYS A 281 -6.79 6.21 -3.70
C LYS A 281 -7.47 6.44 -5.05
N ASP A 282 -6.95 5.78 -6.08
CA ASP A 282 -7.50 5.91 -7.42
C ASP A 282 -8.92 5.37 -7.50
N ALA A 283 -9.14 4.22 -6.85
CA ALA A 283 -10.46 3.62 -6.86
C ALA A 283 -11.47 4.53 -6.17
N LEU A 284 -11.13 5.03 -4.99
CA LEU A 284 -12.02 5.90 -4.24
C LEU A 284 -12.33 7.21 -4.97
N LEU A 285 -11.27 7.90 -5.41
CA LEU A 285 -11.41 9.18 -6.09
C LEU A 285 -12.31 9.07 -7.30
N THR A 286 -12.01 8.10 -8.15
CA THR A 286 -12.78 7.87 -9.37
C THR A 286 -14.25 7.54 -9.12
N SER A 287 -14.49 6.60 -8.21
CA SER A 287 -15.84 6.18 -7.83
C SER A 287 -16.69 7.38 -7.44
N PHE A 288 -16.12 8.23 -6.59
CA PHE A 288 -16.82 9.41 -6.12
C PHE A 288 -17.17 10.33 -7.29
N ILE A 289 -16.16 10.69 -8.08
CA ILE A 289 -16.33 11.57 -9.23
C ILE A 289 -17.42 11.07 -10.18
N ASN A 290 -17.46 9.75 -10.38
CA ASN A 290 -18.50 9.15 -11.19
C ASN A 290 -19.91 9.38 -10.64
N SER A 291 -20.11 9.07 -9.36
CA SER A 291 -21.42 9.26 -8.75
C SER A 291 -21.73 10.74 -8.59
N ALA A 292 -20.70 11.52 -8.28
CA ALA A 292 -20.84 12.96 -8.16
C ALA A 292 -21.31 13.55 -9.48
N THR A 293 -20.83 12.99 -10.58
CA THR A 293 -21.18 13.48 -11.91
C THR A 293 -22.64 13.21 -12.20
N SER A 294 -23.10 12.03 -11.80
CA SER A 294 -24.48 11.64 -11.98
C SER A 294 -25.40 12.59 -11.19
N PHE A 295 -25.01 12.87 -9.96
CA PHE A 295 -25.77 13.80 -9.11
C PHE A 295 -25.87 15.19 -9.74
N ILE A 296 -24.73 15.70 -10.21
CA ILE A 296 -24.70 16.98 -10.91
C ILE A 296 -25.60 16.96 -12.13
N ALA A 297 -25.46 15.91 -12.94
CA ALA A 297 -26.23 15.79 -14.16
C ALA A 297 -27.72 15.73 -13.85
N GLY A 298 -28.05 15.25 -12.66
CA GLY A 298 -29.43 15.17 -12.22
C GLY A 298 -30.09 16.53 -12.10
N PHE A 299 -29.40 17.46 -11.45
CA PHE A 299 -29.85 18.83 -11.37
C PHE A 299 -29.95 19.42 -12.77
N VAL A 300 -28.94 19.15 -13.58
CA VAL A 300 -28.88 19.63 -14.95
C VAL A 300 -30.12 19.20 -15.75
N ILE A 301 -30.45 17.93 -15.69
CA ILE A 301 -31.62 17.40 -16.40
C ILE A 301 -32.93 17.96 -15.85
N PHE A 302 -33.14 17.79 -14.55
CA PHE A 302 -34.44 18.10 -13.95
C PHE A 302 -34.77 19.59 -13.79
N SER A 303 -33.76 20.45 -13.77
CA SER A 303 -34.01 21.88 -13.74
C SER A 303 -34.72 22.25 -15.03
N VAL A 304 -34.35 21.56 -16.11
CA VAL A 304 -34.96 21.80 -17.40
C VAL A 304 -36.33 21.11 -17.46
N LEU A 305 -36.40 19.92 -16.89
CA LEU A 305 -37.67 19.19 -16.84
C LEU A 305 -38.74 20.00 -16.12
N GLY A 306 -38.35 20.67 -15.04
CA GLY A 306 -39.28 21.49 -14.29
C GLY A 306 -39.73 22.70 -15.08
N TYR A 307 -38.77 23.31 -15.76
CA TYR A 307 -39.03 24.46 -16.62
C TYR A 307 -40.05 24.12 -17.68
N MET A 308 -39.98 22.89 -18.18
CA MET A 308 -40.94 22.39 -19.15
C MET A 308 -42.31 22.25 -18.53
N ALA A 309 -42.35 21.63 -17.35
CA ALA A 309 -43.61 21.37 -16.67
C ALA A 309 -44.28 22.65 -16.19
N HIS A 310 -43.49 23.72 -16.11
CA HIS A 310 -43.98 24.99 -15.57
C HIS A 310 -44.35 25.98 -16.67
N THR A 311 -43.41 26.28 -17.56
CA THR A 311 -43.63 27.30 -18.58
C THR A 311 -44.05 26.76 -19.95
N LEU A 312 -44.19 25.44 -20.06
CA LEU A 312 -44.62 24.84 -21.32
C LEU A 312 -45.91 24.05 -21.14
N GLY A 313 -46.31 23.85 -19.89
CA GLY A 313 -47.56 23.20 -19.58
C GLY A 313 -47.61 21.73 -19.98
N VAL A 314 -46.52 21.02 -19.75
CA VAL A 314 -46.46 19.59 -20.02
C VAL A 314 -46.41 18.82 -18.70
N ARG A 315 -47.09 17.68 -18.65
CA ARG A 315 -47.10 16.85 -17.45
C ARG A 315 -45.71 16.28 -17.17
N ILE A 316 -45.34 16.27 -15.89
CA ILE A 316 -44.03 15.75 -15.49
C ILE A 316 -43.90 14.27 -15.86
N GLU A 317 -45.02 13.57 -15.90
CA GLU A 317 -45.04 12.14 -16.22
C GLU A 317 -44.57 11.87 -17.65
N ASP A 318 -44.79 12.84 -18.53
CA ASP A 318 -44.50 12.67 -19.94
C ASP A 318 -43.08 13.08 -20.31
N VAL A 319 -42.38 13.74 -19.39
CA VAL A 319 -41.03 14.23 -19.68
C VAL A 319 -39.93 13.51 -18.89
N ALA A 320 -40.27 13.05 -17.68
CA ALA A 320 -39.30 12.34 -16.87
C ALA A 320 -39.12 10.94 -17.40
N THR A 321 -38.25 10.79 -18.40
CA THR A 321 -38.03 9.50 -19.03
C THR A 321 -36.60 9.03 -18.82
N GLU A 322 -36.25 7.92 -19.47
CA GLU A 322 -34.91 7.36 -19.38
C GLU A 322 -34.40 6.97 -20.76
N GLY A 323 -33.09 6.82 -20.89
CA GLY A 323 -32.49 6.35 -22.13
C GLY A 323 -32.45 7.42 -23.21
N PRO A 324 -32.19 6.99 -24.46
CA PRO A 324 -32.04 7.90 -25.60
C PRO A 324 -33.24 8.82 -25.83
N GLY A 325 -34.43 8.37 -25.39
CA GLY A 325 -35.61 9.20 -25.49
C GLY A 325 -35.46 10.50 -24.74
N LEU A 326 -34.64 10.50 -23.68
CA LEU A 326 -34.48 11.69 -22.86
C LEU A 326 -33.57 12.74 -23.50
N VAL A 327 -32.49 12.28 -24.12
CA VAL A 327 -31.47 13.20 -24.61
C VAL A 327 -31.57 13.48 -26.10
N PHE A 328 -32.33 12.66 -26.82
CA PHE A 328 -32.50 12.87 -28.26
C PHE A 328 -33.84 13.52 -28.58
N VAL A 329 -34.76 13.50 -27.62
CA VAL A 329 -36.10 14.00 -27.86
C VAL A 329 -36.52 15.04 -26.82
N VAL A 330 -36.61 14.62 -25.56
CA VAL A 330 -37.13 15.46 -24.49
C VAL A 330 -36.26 16.69 -24.22
N TYR A 331 -34.97 16.49 -24.02
CA TYR A 331 -34.09 17.61 -23.74
C TYR A 331 -33.89 18.57 -24.91
N PRO A 332 -33.65 18.06 -26.13
CA PRO A 332 -33.53 19.00 -27.26
C PRO A 332 -34.81 19.79 -27.48
N ALA A 333 -35.96 19.18 -27.15
CA ALA A 333 -37.25 19.85 -27.28
C ALA A 333 -37.31 21.11 -26.44
N ALA A 334 -36.75 21.05 -25.24
CA ALA A 334 -36.73 22.21 -24.34
C ALA A 334 -35.66 23.20 -24.77
N ILE A 335 -34.52 22.69 -25.23
CA ILE A 335 -33.42 23.53 -25.70
C ILE A 335 -33.91 24.51 -26.76
N ALA A 336 -34.72 24.00 -27.68
CA ALA A 336 -35.20 24.77 -28.83
C ALA A 336 -36.15 25.91 -28.45
N THR A 337 -36.59 25.93 -27.21
CA THR A 337 -37.55 26.95 -26.78
C THR A 337 -36.87 28.10 -26.06
N MET A 338 -35.63 27.89 -25.63
CA MET A 338 -34.92 28.91 -24.85
C MET A 338 -34.03 29.76 -25.75
N PRO A 339 -33.78 31.02 -25.34
CA PRO A 339 -32.92 31.92 -26.12
C PRO A 339 -31.52 31.33 -26.29
N ALA A 340 -30.86 31.69 -27.38
CA ALA A 340 -29.58 31.11 -27.77
C ALA A 340 -29.68 29.60 -27.83
N SER A 341 -30.82 29.11 -28.32
CA SER A 341 -31.10 27.69 -28.40
C SER A 341 -30.00 26.94 -29.13
N THR A 342 -29.46 27.56 -30.17
CA THR A 342 -28.45 26.93 -30.98
C THR A 342 -27.19 26.63 -30.19
N PHE A 343 -26.82 27.55 -29.32
CA PHE A 343 -25.62 27.37 -28.51
C PHE A 343 -25.76 26.18 -27.57
N TRP A 344 -26.87 26.12 -26.85
CA TRP A 344 -27.11 25.01 -25.92
C TRP A 344 -27.20 23.69 -26.66
N ALA A 345 -27.82 23.72 -27.84
CA ALA A 345 -27.97 22.51 -28.64
C ALA A 345 -26.62 21.93 -29.02
N LEU A 346 -25.77 22.77 -29.60
CA LEU A 346 -24.45 22.33 -30.05
C LEU A 346 -23.60 21.72 -28.94
N ILE A 347 -23.61 22.34 -27.76
CA ILE A 347 -22.76 21.84 -26.69
C ILE A 347 -23.36 20.62 -26.00
N PHE A 348 -24.68 20.56 -25.95
CA PHE A 348 -25.37 19.41 -25.36
C PHE A 348 -25.08 18.14 -26.16
N PHE A 349 -25.12 18.25 -27.48
CA PHE A 349 -24.86 17.11 -28.33
C PHE A 349 -23.38 16.77 -28.33
N MET A 350 -22.53 17.78 -28.41
CA MET A 350 -21.09 17.57 -28.31
C MET A 350 -20.74 16.89 -26.98
N MET A 351 -21.52 17.18 -25.93
CA MET A 351 -21.31 16.59 -24.60
C MET A 351 -21.53 15.07 -24.59
N LEU A 352 -22.76 14.63 -24.89
CA LEU A 352 -23.05 13.20 -24.85
C LEU A 352 -22.32 12.42 -25.93
N ALA A 353 -21.74 13.13 -26.89
CA ALA A 353 -20.79 12.51 -27.80
C ALA A 353 -19.51 12.21 -27.03
N THR A 354 -18.96 13.22 -26.36
CA THR A 354 -17.76 13.04 -25.55
C THR A 354 -18.01 12.14 -24.33
N LEU A 355 -19.26 12.10 -23.87
CA LEU A 355 -19.62 11.19 -22.80
C LEU A 355 -19.51 9.73 -23.24
N GLY A 356 -19.70 9.51 -24.54
CA GLY A 356 -19.67 8.16 -25.07
C GLY A 356 -18.30 7.74 -25.55
N LEU A 357 -17.59 8.68 -26.17
CA LEU A 357 -16.29 8.40 -26.78
C LEU A 357 -15.29 7.69 -25.86
N ASP A 358 -15.00 8.29 -24.70
CA ASP A 358 -14.02 7.71 -23.78
C ASP A 358 -14.47 6.35 -23.22
N SER A 359 -15.77 6.16 -23.07
CA SER A 359 -16.29 4.85 -22.68
C SER A 359 -15.98 3.85 -23.78
N SER A 360 -16.22 4.28 -25.02
CA SER A 360 -15.94 3.45 -26.19
C SER A 360 -14.45 3.15 -26.29
N PHE A 361 -13.63 4.14 -25.92
CA PHE A 361 -12.18 3.94 -25.86
C PHE A 361 -11.81 2.80 -24.93
N GLY A 362 -12.31 2.86 -23.71
CA GLY A 362 -11.98 1.87 -22.69
C GLY A 362 -12.46 0.48 -23.07
N GLY A 363 -13.60 0.43 -23.75
CA GLY A 363 -14.15 -0.85 -24.16
C GLY A 363 -13.25 -1.54 -25.17
N SER A 364 -12.85 -0.79 -26.19
CA SER A 364 -11.97 -1.33 -27.22
C SER A 364 -10.60 -1.65 -26.65
N GLU A 365 -10.07 -0.75 -25.83
CA GLU A 365 -8.74 -0.90 -25.28
C GLU A 365 -8.66 -2.15 -24.41
N ALA A 366 -9.78 -2.50 -23.79
CA ALA A 366 -9.87 -3.73 -23.03
C ALA A 366 -9.54 -4.92 -23.92
N ILE A 367 -10.10 -4.90 -25.13
CA ILE A 367 -9.88 -5.96 -26.10
C ILE A 367 -8.44 -5.99 -26.59
N ILE A 368 -7.98 -4.85 -27.10
CA ILE A 368 -6.64 -4.74 -27.67
C ILE A 368 -5.55 -5.10 -26.67
N THR A 369 -5.69 -4.62 -25.44
CA THR A 369 -4.71 -4.91 -24.39
C THR A 369 -4.76 -6.38 -23.98
N ALA A 370 -5.96 -6.90 -23.77
CA ALA A 370 -6.11 -8.29 -23.34
C ALA A 370 -5.54 -9.25 -24.37
N LEU A 371 -5.47 -8.78 -25.61
CA LEU A 371 -4.99 -9.58 -26.74
C LEU A 371 -3.48 -9.47 -26.95
N SER A 372 -2.93 -8.25 -26.88
CA SER A 372 -1.50 -8.04 -27.03
C SER A 372 -0.67 -8.83 -26.01
N ASP A 373 -1.25 -9.04 -24.83
CA ASP A 373 -0.60 -9.76 -23.75
C ASP A 373 -0.62 -11.27 -23.96
N GLU A 374 -1.56 -11.74 -24.77
CA GLU A 374 -1.71 -13.18 -25.04
C GLU A 374 -1.12 -13.59 -26.38
N PHE A 375 -1.13 -12.66 -27.33
CA PHE A 375 -0.67 -12.94 -28.68
C PHE A 375 0.31 -11.88 -29.18
N PRO A 376 1.63 -12.18 -29.11
CA PRO A 376 2.67 -11.23 -29.54
C PRO A 376 2.54 -10.88 -31.01
N LYS A 377 1.84 -11.72 -31.77
CA LYS A 377 1.59 -11.50 -33.20
C LYS A 377 0.97 -10.13 -33.49
N ILE A 378 -0.02 -9.73 -32.69
CA ILE A 378 -0.70 -8.44 -32.82
C ILE A 378 -0.06 -7.30 -32.00
N LYS A 379 0.59 -7.63 -30.88
CA LYS A 379 1.26 -6.62 -30.05
C LYS A 379 2.33 -5.90 -30.86
N ARG A 380 2.97 -6.65 -31.76
CA ARG A 380 3.90 -6.10 -32.74
C ARG A 380 3.17 -5.30 -33.81
N ASN A 381 1.92 -5.69 -34.10
CA ASN A 381 1.14 -5.12 -35.21
C ASN A 381 -0.18 -4.45 -34.76
N ARG A 382 -0.09 -3.47 -33.86
CA ARG A 382 -1.28 -2.82 -33.28
C ARG A 382 -2.21 -2.16 -34.33
N GLU A 383 -1.73 -1.08 -34.93
CA GLU A 383 -2.47 -0.31 -35.93
C GLU A 383 -3.23 -1.19 -36.93
N LEU A 384 -2.53 -2.14 -37.54
CA LEU A 384 -3.14 -3.08 -38.48
C LEU A 384 -4.30 -3.84 -37.83
N PHE A 385 -4.08 -4.33 -36.61
CA PHE A 385 -5.13 -5.09 -35.92
C PHE A 385 -6.37 -4.26 -35.64
N VAL A 386 -6.18 -3.11 -35.02
CA VAL A 386 -7.32 -2.28 -34.64
C VAL A 386 -7.98 -1.66 -35.87
N ALA A 387 -7.21 -1.47 -36.94
CA ALA A 387 -7.79 -1.00 -38.21
C ALA A 387 -8.71 -2.07 -38.75
N GLY A 388 -8.30 -3.32 -38.60
CA GLY A 388 -9.11 -4.44 -39.03
C GLY A 388 -10.33 -4.59 -38.14
N LEU A 389 -10.13 -4.36 -36.84
CA LEU A 389 -11.20 -4.49 -35.86
C LEU A 389 -12.27 -3.41 -36.06
N PHE A 390 -11.82 -2.16 -36.14
CA PHE A 390 -12.75 -1.05 -36.31
C PHE A 390 -13.44 -1.11 -37.67
N SER A 391 -12.77 -1.67 -38.66
CA SER A 391 -13.36 -1.85 -39.98
C SER A 391 -14.51 -2.84 -39.91
N LEU A 392 -14.27 -3.96 -39.22
CA LEU A 392 -15.31 -4.92 -38.94
C LEU A 392 -16.49 -4.25 -38.21
N TYR A 393 -16.17 -3.37 -37.26
CA TYR A 393 -17.20 -2.63 -36.55
C TYR A 393 -18.06 -1.81 -37.51
N PHE A 394 -17.41 -0.97 -38.30
CA PHE A 394 -18.11 -0.10 -39.24
C PHE A 394 -18.95 -0.89 -40.25
N VAL A 395 -18.39 -1.96 -40.79
CA VAL A 395 -19.09 -2.77 -41.78
C VAL A 395 -20.39 -3.33 -41.20
N VAL A 396 -20.28 -4.05 -40.09
CA VAL A 396 -21.46 -4.59 -39.43
C VAL A 396 -22.31 -3.45 -38.88
N GLY A 397 -21.65 -2.35 -38.52
CA GLY A 397 -22.34 -1.20 -37.96
C GLY A 397 -23.24 -0.50 -38.96
N LEU A 398 -23.09 -0.86 -40.24
CA LEU A 398 -23.94 -0.33 -41.28
C LEU A 398 -25.37 -0.81 -41.09
N ALA A 399 -25.52 -1.97 -40.46
CA ALA A 399 -26.83 -2.50 -40.11
C ALA A 399 -27.54 -1.55 -39.13
N SER A 400 -26.77 -0.90 -38.28
CA SER A 400 -27.32 0.04 -37.32
C SER A 400 -27.69 1.35 -38.01
N CYS A 401 -27.11 1.57 -39.19
CA CYS A 401 -27.36 2.80 -39.95
C CYS A 401 -28.50 2.64 -40.95
N THR A 402 -29.16 1.49 -40.92
CA THR A 402 -30.31 1.27 -41.80
C THR A 402 -31.55 1.93 -41.23
N GLN A 403 -32.66 1.81 -41.95
CA GLN A 403 -33.93 2.38 -41.52
C GLN A 403 -34.51 1.59 -40.34
N GLY A 404 -34.08 0.35 -40.21
CA GLY A 404 -34.51 -0.48 -39.10
C GLY A 404 -33.36 -0.70 -38.15
N GLY A 405 -32.38 0.21 -38.23
CA GLY A 405 -31.19 0.13 -37.43
C GLY A 405 -31.46 0.09 -35.94
N PHE A 406 -32.48 0.83 -35.50
CA PHE A 406 -32.81 0.87 -34.08
C PHE A 406 -33.20 -0.51 -33.56
N TYR A 407 -33.80 -1.33 -34.42
CA TYR A 407 -34.20 -2.68 -34.02
C TYR A 407 -32.99 -3.55 -33.79
N PHE A 408 -31.95 -3.33 -34.58
CA PHE A 408 -30.69 -4.06 -34.43
C PHE A 408 -30.01 -3.61 -33.14
N PHE A 409 -29.90 -2.30 -32.97
CA PHE A 409 -29.35 -1.71 -31.76
C PHE A 409 -30.05 -2.22 -30.50
N HIS A 410 -31.38 -2.24 -30.54
CA HIS A 410 -32.18 -2.61 -29.37
C HIS A 410 -31.97 -4.07 -28.98
N LEU A 411 -31.78 -4.93 -29.97
CA LEU A 411 -31.59 -6.35 -29.73
C LEU A 411 -30.28 -6.59 -28.99
N LEU A 412 -29.19 -6.01 -29.50
CA LEU A 412 -27.87 -6.19 -28.90
C LEU A 412 -27.81 -5.57 -27.51
N ASP A 413 -28.47 -4.42 -27.34
CA ASP A 413 -28.48 -3.72 -26.08
C ASP A 413 -29.17 -4.52 -24.98
N ARG A 414 -30.04 -5.44 -25.37
CA ARG A 414 -30.81 -6.21 -24.40
C ARG A 414 -30.31 -7.63 -24.23
N TYR A 415 -29.34 -8.05 -25.04
CA TYR A 415 -28.89 -9.44 -25.01
C TYR A 415 -27.37 -9.58 -24.91
N ALA A 416 -26.65 -8.79 -25.70
CA ALA A 416 -25.21 -9.00 -25.89
C ALA A 416 -24.36 -9.01 -24.62
N ALA A 417 -24.65 -8.11 -23.69
CA ALA A 417 -23.78 -7.96 -22.52
C ALA A 417 -24.51 -7.92 -21.19
N GLY A 418 -25.82 -7.71 -21.23
CA GLY A 418 -26.61 -7.55 -20.02
C GLY A 418 -26.44 -8.63 -18.97
N TYR A 419 -26.66 -9.88 -19.35
CA TYR A 419 -26.64 -10.99 -18.42
C TYR A 419 -25.25 -11.60 -18.32
N SER A 420 -24.60 -11.67 -19.47
CA SER A 420 -23.29 -12.28 -19.61
C SER A 420 -22.27 -11.71 -18.65
N ILE A 421 -22.14 -10.39 -18.62
CA ILE A 421 -21.12 -9.77 -17.80
C ILE A 421 -21.39 -9.92 -16.29
N LEU A 422 -22.65 -10.14 -15.94
CA LEU A 422 -23.00 -10.40 -14.54
C LEU A 422 -22.48 -11.76 -14.09
N VAL A 423 -22.62 -12.76 -14.94
CA VAL A 423 -22.19 -14.10 -14.57
C VAL A 423 -20.70 -14.28 -14.80
N ALA A 424 -20.10 -13.34 -15.53
CA ALA A 424 -18.66 -13.33 -15.70
C ALA A 424 -18.04 -12.76 -14.43
N VAL A 425 -18.47 -11.56 -14.08
CA VAL A 425 -17.97 -10.88 -12.89
C VAL A 425 -18.32 -11.66 -11.62
N PHE A 426 -19.39 -12.44 -11.67
CA PHE A 426 -19.71 -13.32 -10.54
C PHE A 426 -18.61 -14.35 -10.34
N PHE A 427 -18.20 -15.01 -11.42
CA PHE A 427 -17.13 -15.97 -11.34
C PHE A 427 -15.80 -15.28 -11.04
N GLU A 428 -15.71 -14.01 -11.42
CA GLU A 428 -14.52 -13.22 -11.12
C GLU A 428 -14.37 -13.09 -9.62
N ALA A 429 -15.47 -12.74 -8.95
CA ALA A 429 -15.47 -12.59 -7.50
C ALA A 429 -15.21 -13.92 -6.81
N ILE A 430 -15.78 -14.99 -7.35
CA ILE A 430 -15.60 -16.32 -6.78
C ILE A 430 -14.15 -16.79 -6.90
N ALA A 431 -13.58 -16.62 -8.09
CA ALA A 431 -12.20 -17.03 -8.35
C ALA A 431 -11.22 -16.28 -7.46
N VAL A 432 -11.38 -14.96 -7.39
CA VAL A 432 -10.48 -14.12 -6.60
C VAL A 432 -10.58 -14.41 -5.10
N SER A 433 -11.80 -14.42 -4.58
CA SER A 433 -12.01 -14.47 -3.14
C SER A 433 -12.07 -15.88 -2.54
N TRP A 434 -12.20 -16.89 -3.38
CA TRP A 434 -12.33 -18.27 -2.89
C TRP A 434 -11.34 -19.26 -3.50
N ILE A 435 -10.98 -19.06 -4.76
CA ILE A 435 -10.00 -19.93 -5.40
C ILE A 435 -8.60 -19.37 -5.23
N TYR A 436 -8.43 -18.09 -5.57
CA TYR A 436 -7.14 -17.42 -5.41
C TYR A 436 -6.98 -16.98 -3.95
N GLY A 437 -8.12 -16.72 -3.31
CA GLY A 437 -8.13 -16.35 -1.91
C GLY A 437 -8.00 -14.87 -1.66
N THR A 438 -8.71 -14.38 -0.65
CA THR A 438 -8.60 -12.99 -0.24
C THR A 438 -7.26 -12.74 0.43
N ASN A 439 -6.75 -13.77 1.11
CA ASN A 439 -5.47 -13.66 1.81
C ASN A 439 -4.32 -13.40 0.84
N ARG A 440 -4.33 -14.12 -0.27
CA ARG A 440 -3.31 -13.97 -1.30
C ARG A 440 -3.46 -12.62 -2.00
N PHE A 441 -4.70 -12.20 -2.18
CA PHE A 441 -4.99 -10.93 -2.83
C PHE A 441 -4.58 -9.75 -1.93
N SER A 442 -4.88 -9.87 -0.63
CA SER A 442 -4.49 -8.85 0.33
C SER A 442 -2.98 -8.73 0.36
N GLU A 443 -2.31 -9.87 0.29
CA GLU A 443 -0.86 -9.92 0.27
C GLU A 443 -0.32 -9.15 -0.92
N ASP A 444 -0.97 -9.33 -2.08
CA ASP A 444 -0.54 -8.67 -3.31
C ASP A 444 -0.66 -7.16 -3.17
N ILE A 445 -1.79 -6.74 -2.61
CA ILE A 445 -2.11 -5.33 -2.48
C ILE A 445 -1.13 -4.66 -1.52
N ARG A 446 -0.80 -5.36 -0.44
CA ARG A 446 0.15 -4.83 0.54
C ARG A 446 1.51 -4.60 -0.10
N ASP A 447 1.97 -5.56 -0.89
CA ASP A 447 3.26 -5.45 -1.58
C ASP A 447 3.28 -4.20 -2.47
N MET A 448 2.13 -3.90 -3.07
CA MET A 448 2.04 -2.76 -3.98
C MET A 448 1.98 -1.44 -3.23
N ILE A 449 0.90 -1.22 -2.50
CA ILE A 449 0.63 0.07 -1.89
C ILE A 449 1.13 0.20 -0.45
N GLY A 450 1.80 -0.83 0.05
CA GLY A 450 2.42 -0.76 1.36
C GLY A 450 1.59 -1.31 2.51
N PHE A 451 0.27 -1.37 2.32
CA PHE A 451 -0.62 -1.84 3.36
C PHE A 451 -1.69 -2.76 2.80
N PRO A 452 -2.22 -3.67 3.64
CA PRO A 452 -3.27 -4.57 3.21
C PRO A 452 -4.65 -3.91 3.34
N PRO A 453 -5.65 -4.41 2.61
CA PRO A 453 -7.03 -3.93 2.70
C PRO A 453 -7.62 -4.22 4.07
N GLY A 454 -8.49 -3.34 4.55
CA GLY A 454 -9.15 -3.54 5.82
C GLY A 454 -10.08 -4.74 5.79
N ARG A 455 -10.59 -5.14 6.94
CA ARG A 455 -11.50 -6.28 7.02
C ARG A 455 -12.79 -5.99 6.25
N TYR A 456 -13.13 -4.71 6.15
CA TYR A 456 -14.31 -4.28 5.41
C TYR A 456 -14.29 -4.73 3.95
N TRP A 457 -13.21 -4.41 3.25
CA TRP A 457 -13.08 -4.77 1.84
C TRP A 457 -13.01 -6.28 1.64
N GLN A 458 -12.39 -6.98 2.59
CA GLN A 458 -12.25 -8.43 2.48
C GLN A 458 -13.60 -9.13 2.65
N VAL A 459 -14.37 -8.72 3.65
CA VAL A 459 -15.71 -9.25 3.85
C VAL A 459 -16.59 -8.95 2.63
N CYS A 460 -16.44 -7.75 2.08
CA CYS A 460 -17.21 -7.35 0.91
C CYS A 460 -16.88 -8.21 -0.32
N TRP A 461 -15.59 -8.38 -0.61
CA TRP A 461 -15.16 -9.15 -1.77
C TRP A 461 -15.61 -10.61 -1.69
N ARG A 462 -15.65 -11.14 -0.47
CA ARG A 462 -15.89 -12.55 -0.26
C ARG A 462 -17.37 -12.90 -0.09
N PHE A 463 -18.09 -12.12 0.70
CA PHE A 463 -19.49 -12.42 1.01
C PHE A 463 -20.48 -11.47 0.34
N VAL A 464 -20.27 -10.17 0.48
CA VAL A 464 -21.22 -9.19 -0.03
C VAL A 464 -21.27 -9.18 -1.56
N ALA A 465 -20.11 -9.20 -2.20
CA ALA A 465 -20.03 -9.11 -3.67
C ALA A 465 -20.76 -10.22 -4.44
N PRO A 466 -20.58 -11.50 -4.04
CA PRO A 466 -21.36 -12.52 -4.76
C PRO A 466 -22.86 -12.32 -4.56
N ILE A 467 -23.29 -12.09 -3.33
CA ILE A 467 -24.69 -11.87 -3.02
C ILE A 467 -25.21 -10.66 -3.79
N PHE A 468 -24.35 -9.65 -3.90
CA PHE A 468 -24.65 -8.43 -4.67
C PHE A 468 -24.94 -8.77 -6.13
N LEU A 469 -23.97 -9.40 -6.78
CA LEU A 469 -24.09 -9.77 -8.18
C LEU A 469 -25.25 -10.73 -8.42
N LEU A 470 -25.49 -11.60 -7.45
CA LEU A 470 -26.54 -12.60 -7.58
C LEU A 470 -27.90 -11.96 -7.45
N PHE A 471 -28.00 -11.02 -6.52
CA PHE A 471 -29.23 -10.29 -6.26
C PHE A 471 -29.65 -9.53 -7.51
N ILE A 472 -28.68 -9.21 -8.37
CA ILE A 472 -28.96 -8.49 -9.60
C ILE A 472 -29.34 -9.42 -10.74
N THR A 473 -28.55 -10.47 -10.92
CA THR A 473 -28.80 -11.45 -11.97
C THR A 473 -30.20 -12.04 -11.81
N VAL A 474 -30.53 -12.43 -10.58
CA VAL A 474 -31.87 -12.93 -10.29
C VAL A 474 -32.91 -11.86 -10.62
N TYR A 475 -32.61 -10.62 -10.28
CA TYR A 475 -33.54 -9.52 -10.49
C TYR A 475 -33.86 -9.25 -11.95
N LEU A 476 -32.85 -9.31 -12.81
CA LEU A 476 -33.04 -9.08 -14.23
C LEU A 476 -33.82 -10.23 -14.87
N LEU A 477 -33.70 -11.42 -14.29
CA LEU A 477 -34.40 -12.60 -14.81
C LEU A 477 -35.86 -12.61 -14.40
N ILE A 478 -36.14 -12.11 -13.21
CA ILE A 478 -37.52 -12.01 -12.73
C ILE A 478 -38.34 -11.10 -13.63
N GLY A 479 -37.79 -9.92 -13.92
CA GLY A 479 -38.48 -8.93 -14.73
C GLY A 479 -38.26 -9.12 -16.22
N TYR A 480 -37.94 -10.35 -16.62
CA TYR A 480 -37.76 -10.65 -18.04
C TYR A 480 -39.10 -10.64 -18.76
N GLU A 481 -39.06 -10.20 -20.02
CA GLU A 481 -40.21 -10.22 -20.88
C GLU A 481 -39.68 -10.47 -22.28
N PRO A 482 -40.42 -11.22 -23.10
CA PRO A 482 -40.05 -11.38 -24.50
C PRO A 482 -39.84 -10.02 -25.15
N LEU A 483 -38.74 -9.87 -25.88
CA LEU A 483 -38.29 -8.57 -26.37
C LEU A 483 -39.33 -7.84 -27.23
N THR A 484 -39.68 -6.63 -26.80
CA THR A 484 -40.64 -5.80 -27.54
C THR A 484 -40.19 -4.35 -27.55
N TYR A 485 -40.74 -3.56 -28.47
CA TYR A 485 -40.51 -2.12 -28.50
C TYR A 485 -41.72 -1.43 -29.12
N ALA A 486 -42.31 -0.51 -28.37
CA ALA A 486 -43.60 0.08 -28.73
C ALA A 486 -44.62 -1.02 -29.02
N ASP A 487 -45.06 -1.13 -30.27
CA ASP A 487 -46.03 -2.15 -30.63
C ASP A 487 -45.37 -3.31 -31.36
N TYR A 488 -44.12 -3.10 -31.75
CA TYR A 488 -43.38 -4.14 -32.46
C TYR A 488 -42.94 -5.22 -31.50
N VAL A 489 -43.43 -6.43 -31.72
CA VAL A 489 -42.99 -7.58 -30.96
C VAL A 489 -42.09 -8.48 -31.83
N TYR A 490 -40.95 -8.87 -31.25
CA TYR A 490 -39.94 -9.67 -31.93
C TYR A 490 -40.42 -11.11 -32.16
N PRO A 491 -40.00 -11.72 -33.29
CA PRO A 491 -40.27 -13.14 -33.52
C PRO A 491 -39.54 -13.97 -32.48
N SER A 492 -39.90 -15.24 -32.40
CA SER A 492 -39.28 -16.15 -31.45
C SER A 492 -37.77 -16.28 -31.75
N TRP A 493 -37.42 -16.33 -33.03
CA TRP A 493 -36.03 -16.55 -33.40
C TRP A 493 -35.11 -15.39 -33.02
N ALA A 494 -35.67 -14.18 -32.99
CA ALA A 494 -34.90 -13.01 -32.61
C ALA A 494 -34.44 -13.12 -31.17
N ASN A 495 -35.33 -13.61 -30.30
CA ASN A 495 -34.97 -13.86 -28.91
C ASN A 495 -34.02 -15.05 -28.79
N ALA A 496 -34.14 -15.99 -29.71
CA ALA A 496 -33.25 -17.16 -29.74
C ALA A 496 -31.82 -16.74 -30.06
N LEU A 497 -31.65 -15.98 -31.14
CA LEU A 497 -30.35 -15.47 -31.53
C LEU A 497 -29.77 -14.57 -30.43
N GLY A 498 -30.65 -13.85 -29.75
CA GLY A 498 -30.24 -12.99 -28.65
C GLY A 498 -29.59 -13.80 -27.55
N TRP A 499 -30.26 -14.86 -27.10
CA TRP A 499 -29.72 -15.72 -26.06
C TRP A 499 -28.47 -16.49 -26.50
N CYS A 500 -28.25 -16.60 -27.81
CA CYS A 500 -27.04 -17.22 -28.31
C CYS A 500 -25.87 -16.26 -28.16
N ILE A 501 -26.10 -15.00 -28.49
CA ILE A 501 -25.09 -13.96 -28.33
C ILE A 501 -24.77 -13.76 -26.85
N ALA A 502 -25.83 -13.80 -26.03
CA ALA A 502 -25.68 -13.71 -24.58
C ALA A 502 -24.92 -14.91 -24.03
N GLY A 503 -25.12 -16.07 -24.64
CA GLY A 503 -24.53 -17.28 -24.15
C GLY A 503 -23.17 -17.58 -24.75
N SER A 504 -22.88 -17.02 -25.92
CA SER A 504 -21.60 -17.23 -26.56
C SER A 504 -20.43 -16.77 -25.69
N SER A 505 -20.74 -15.93 -24.72
CA SER A 505 -19.80 -15.37 -23.75
C SER A 505 -19.52 -16.35 -22.64
N VAL A 506 -20.57 -16.61 -21.86
CA VAL A 506 -20.52 -17.44 -20.67
C VAL A 506 -20.09 -18.85 -21.00
N VAL A 507 -20.42 -19.31 -22.20
CA VAL A 507 -20.07 -20.66 -22.61
C VAL A 507 -18.56 -20.87 -22.58
N MET A 508 -17.80 -19.77 -22.68
CA MET A 508 -16.35 -19.84 -22.59
C MET A 508 -15.88 -20.27 -21.21
N ILE A 509 -16.66 -19.94 -20.18
CA ILE A 509 -16.30 -20.31 -18.81
C ILE A 509 -16.11 -21.83 -18.63
N PRO A 510 -17.14 -22.64 -18.94
CA PRO A 510 -16.88 -24.07 -18.74
C PRO A 510 -16.14 -24.70 -19.90
N ALA A 511 -16.29 -24.16 -21.11
CA ALA A 511 -15.62 -24.74 -22.29
C ALA A 511 -14.10 -24.82 -22.15
N VAL A 512 -13.48 -23.72 -21.69
CA VAL A 512 -12.03 -23.69 -21.41
C VAL A 512 -11.68 -24.51 -20.17
N ALA A 513 -12.47 -24.37 -19.10
CA ALA A 513 -12.33 -25.23 -17.92
C ALA A 513 -12.28 -26.70 -18.29
N ILE A 514 -13.22 -27.12 -19.15
CA ILE A 514 -13.23 -28.48 -19.68
C ILE A 514 -12.00 -28.75 -20.55
N PHE A 515 -11.62 -27.76 -21.36
CA PHE A 515 -10.48 -27.93 -22.27
C PHE A 515 -9.16 -28.10 -21.54
N LYS A 516 -8.86 -27.21 -20.60
CA LYS A 516 -7.60 -27.26 -19.86
C LYS A 516 -7.56 -28.42 -18.87
N LEU A 517 -8.73 -28.84 -18.40
CA LEU A 517 -8.85 -29.99 -17.54
C LEU A 517 -8.40 -31.23 -18.29
N LEU A 518 -8.94 -31.41 -19.49
CA LEU A 518 -8.60 -32.56 -20.32
C LEU A 518 -7.32 -32.31 -21.13
N SER A 519 -6.50 -31.36 -20.68
CA SER A 519 -5.26 -31.05 -21.37
C SER A 519 -4.07 -31.14 -20.43
N THR A 520 -4.33 -31.58 -19.20
CA THR A 520 -3.28 -31.71 -18.20
C THR A 520 -3.14 -33.17 -17.75
N PRO A 521 -1.96 -33.54 -17.20
CA PRO A 521 -1.75 -34.92 -16.77
C PRO A 521 -1.96 -35.13 -15.28
N GLY A 522 -2.37 -36.34 -14.90
CA GLY A 522 -2.50 -36.70 -13.51
C GLY A 522 -3.85 -37.27 -13.18
N SER A 523 -4.35 -36.95 -12.00
CA SER A 523 -5.67 -37.35 -11.58
C SER A 523 -6.54 -36.11 -11.43
N LEU A 524 -7.83 -36.32 -11.22
CA LEU A 524 -8.76 -35.20 -11.09
C LEU A 524 -8.36 -34.23 -9.97
N ARG A 525 -7.99 -34.76 -8.80
CA ARG A 525 -7.52 -33.90 -7.72
C ARG A 525 -6.22 -33.20 -8.10
N GLN A 526 -5.43 -33.87 -8.93
CA GLN A 526 -4.15 -33.33 -9.37
C GLN A 526 -4.31 -32.27 -10.47
N ARG A 527 -5.28 -32.47 -11.35
CA ARG A 527 -5.62 -31.51 -12.40
C ARG A 527 -6.06 -30.18 -11.82
N PHE A 528 -6.89 -30.25 -10.77
CA PHE A 528 -7.40 -29.07 -10.08
C PHE A 528 -6.25 -28.30 -9.41
N THR A 529 -5.49 -29.00 -8.56
CA THR A 529 -4.32 -28.44 -7.90
C THR A 529 -3.45 -27.59 -8.84
N ILE A 530 -3.17 -28.12 -10.03
CA ILE A 530 -2.42 -27.40 -11.07
C ILE A 530 -3.24 -26.21 -11.61
N LEU A 531 -4.51 -26.44 -11.94
CA LEU A 531 -5.37 -25.40 -12.51
C LEU A 531 -5.94 -24.46 -11.47
N THR A 532 -5.50 -24.66 -10.22
CA THR A 532 -5.84 -23.79 -9.10
C THR A 532 -4.62 -22.96 -8.70
N THR A 533 -3.42 -23.53 -8.84
CA THR A 533 -2.18 -22.81 -8.53
C THR A 533 -2.02 -21.56 -9.41
N PRO A 534 -1.82 -20.39 -8.78
CA PRO A 534 -1.55 -19.14 -9.51
C PRO A 534 -0.23 -19.22 -10.27
N TRP A 535 -0.01 -18.29 -11.19
CA TRP A 535 1.18 -18.29 -12.03
C TRP A 535 2.47 -18.13 -11.23
N ARG A 536 2.50 -17.13 -10.35
CA ARG A 536 3.67 -16.95 -9.49
C ARG A 536 3.78 -18.11 -8.50
N ASP A 537 4.42 -19.18 -8.97
CA ASP A 537 4.63 -20.38 -8.19
C ASP A 537 5.72 -21.23 -8.85
N GLU B 23 21.61 2.03 -1.83
CA GLU B 23 20.70 2.11 -0.69
C GLU B 23 20.53 3.56 -0.26
N ASN B 24 19.44 3.83 0.46
CA ASN B 24 19.17 5.17 0.95
C ASN B 24 19.67 5.36 2.38
N VAL B 25 20.90 5.81 2.52
CA VAL B 25 21.54 5.95 3.82
C VAL B 25 20.96 7.12 4.63
N LEU B 26 20.48 6.82 5.84
CA LEU B 26 19.99 7.86 6.75
C LEU B 26 21.08 8.25 7.73
N THR B 27 21.30 9.56 7.87
CA THR B 27 22.32 10.08 8.77
C THR B 27 21.67 10.89 9.88
N GLN B 28 21.92 10.51 11.13
CA GLN B 28 21.34 11.22 12.27
C GLN B 28 22.37 12.08 13.01
N SER B 29 21.95 13.28 13.39
CA SER B 29 22.80 14.17 14.20
C SER B 29 21.99 14.82 15.32
N PRO B 30 22.63 15.01 16.48
CA PRO B 30 24.00 14.62 16.78
C PRO B 30 24.09 13.14 17.13
N ALA B 31 25.29 12.59 17.07
CA ALA B 31 25.54 11.21 17.51
C ALA B 31 25.15 11.06 18.98
N ILE B 32 25.74 11.91 19.82
CA ILE B 32 25.46 11.92 21.25
C ILE B 32 24.98 13.31 21.64
N MET B 33 23.92 13.37 22.44
CA MET B 33 23.37 14.64 22.88
C MET B 33 23.27 14.69 24.40
N SER B 34 23.87 15.73 24.99
CA SER B 34 23.80 15.93 26.43
C SER B 34 22.65 16.86 26.77
N THR B 35 21.80 16.42 27.68
CA THR B 35 20.55 17.11 27.95
C THR B 35 20.17 16.98 29.41
N SER B 36 19.73 18.09 29.99
CA SER B 36 19.18 18.06 31.33
C SER B 36 17.67 18.09 31.23
N PRO B 37 16.98 17.34 32.11
CA PRO B 37 15.52 17.29 32.13
C PRO B 37 14.91 18.68 32.22
N GLY B 38 13.98 18.98 31.32
CA GLY B 38 13.38 20.29 31.25
C GLY B 38 13.80 21.02 29.98
N GLU B 39 14.84 20.50 29.32
CA GLU B 39 15.30 21.10 28.07
C GLU B 39 14.39 20.73 26.91
N LYS B 40 14.36 21.59 25.90
CA LYS B 40 13.75 21.24 24.63
C LYS B 40 14.86 20.85 23.68
N VAL B 41 14.75 19.66 23.10
CA VAL B 41 15.77 19.18 22.18
C VAL B 41 15.15 18.79 20.84
N THR B 42 16.01 18.75 19.82
CA THR B 42 15.61 18.34 18.47
C THR B 42 16.76 17.58 17.81
N MET B 43 16.55 16.31 17.53
CA MET B 43 17.51 15.51 16.79
C MET B 43 17.05 15.40 15.35
N THR B 44 18.00 15.46 14.41
CA THR B 44 17.65 15.45 13.00
C THR B 44 17.99 14.14 12.30
N CYS B 45 17.29 13.88 11.20
CA CYS B 45 17.48 12.68 10.40
C CYS B 45 17.51 13.08 8.93
N ARG B 46 18.67 13.05 8.31
CA ARG B 46 18.81 13.42 6.90
C ARG B 46 19.02 12.22 6.00
N ALA B 47 18.38 12.22 4.84
CA ALA B 47 18.45 11.09 3.91
C ALA B 47 19.22 11.44 2.65
N SER B 48 19.72 10.41 1.97
CA SER B 48 20.46 10.61 0.74
C SER B 48 19.50 10.71 -0.44
N SER B 49 18.30 10.19 -0.24
CA SER B 49 17.26 10.22 -1.25
C SER B 49 15.92 10.57 -0.61
N SER B 50 15.06 11.22 -1.38
CA SER B 50 13.76 11.66 -0.87
C SER B 50 12.94 10.49 -0.32
N VAL B 51 12.26 10.73 0.79
CA VAL B 51 11.43 9.73 1.44
C VAL B 51 10.04 10.30 1.62
N GLY B 52 9.03 9.48 1.38
CA GLY B 52 7.65 9.90 1.61
C GLY B 52 7.39 10.05 3.10
N SER B 53 6.65 11.09 3.46
CA SER B 53 6.42 11.41 4.87
C SER B 53 5.71 10.29 5.63
N SER B 54 5.05 9.42 4.89
CA SER B 54 4.33 8.31 5.53
C SER B 54 5.20 7.07 5.69
N TYR B 55 6.46 7.16 5.28
CA TYR B 55 7.33 5.99 5.32
C TYR B 55 8.54 6.17 6.24
N LEU B 56 8.64 7.32 6.87
CA LEU B 56 9.73 7.58 7.81
C LEU B 56 9.27 7.42 9.26
N HIS B 57 9.94 6.55 10.00
CA HIS B 57 9.54 6.26 11.37
C HIS B 57 10.69 6.45 12.36
N TRP B 58 10.34 6.55 13.63
CA TRP B 58 11.33 6.73 14.69
C TRP B 58 11.19 5.65 15.75
N TYR B 59 12.34 5.14 16.21
CA TYR B 59 12.38 4.13 17.25
C TYR B 59 13.19 4.60 18.45
N GLN B 60 12.80 4.17 19.63
CA GLN B 60 13.54 4.45 20.85
C GLN B 60 14.09 3.17 21.44
N GLN B 61 15.36 3.18 21.82
CA GLN B 61 15.96 1.99 22.41
C GLN B 61 16.64 2.27 23.75
N LYS B 62 16.09 1.73 24.83
CA LYS B 62 16.71 1.85 26.13
C LYS B 62 17.91 0.90 26.23
N SER B 63 18.76 1.11 27.23
CA SER B 63 19.94 0.29 27.41
C SER B 63 19.52 -1.14 27.77
N GLY B 64 20.12 -2.11 27.11
CA GLY B 64 19.81 -3.51 27.36
C GLY B 64 18.36 -3.87 27.10
N ALA B 65 17.78 -3.25 26.09
CA ALA B 65 16.40 -3.55 25.71
C ALA B 65 16.22 -3.50 24.20
N SER B 66 15.16 -4.15 23.73
CA SER B 66 14.84 -4.15 22.31
C SER B 66 14.16 -2.83 21.93
N PRO B 67 14.44 -2.34 20.71
CA PRO B 67 13.87 -1.06 20.24
C PRO B 67 12.34 -1.10 20.25
N LYS B 68 11.71 0.06 20.33
CA LYS B 68 10.26 0.17 20.26
C LYS B 68 9.85 1.25 19.27
N LEU B 69 8.76 1.03 18.55
CA LEU B 69 8.22 2.03 17.63
C LEU B 69 7.82 3.26 18.41
N TRP B 70 8.33 4.42 18.00
CA TRP B 70 8.10 5.63 18.76
C TRP B 70 7.22 6.64 18.02
N ILE B 71 7.60 6.98 16.80
CA ILE B 71 6.85 7.93 16.00
C ILE B 71 6.77 7.43 14.56
N TYR B 72 5.61 6.91 14.18
CA TYR B 72 5.45 6.39 12.82
C TYR B 72 4.87 7.43 11.89
N SER B 73 5.21 7.28 10.61
CA SER B 73 4.72 8.19 9.57
C SER B 73 5.01 9.64 9.95
N THR B 74 6.27 9.94 10.21
CA THR B 74 6.75 11.28 10.51
C THR B 74 6.21 11.95 11.78
N SER B 75 4.90 12.03 11.92
CA SER B 75 4.30 12.87 12.96
C SER B 75 3.50 12.09 13.99
N ASN B 76 3.03 10.90 13.62
CA ASN B 76 2.12 10.16 14.49
C ASN B 76 2.85 9.45 15.61
N LEU B 77 2.43 9.71 16.84
CA LEU B 77 3.02 9.03 17.98
C LEU B 77 2.44 7.63 18.12
N ALA B 78 3.30 6.65 18.34
CA ALA B 78 2.85 5.29 18.63
C ALA B 78 2.20 5.23 20.01
N SER B 79 1.55 4.12 20.34
CA SER B 79 0.81 4.04 21.60
C SER B 79 1.72 4.03 22.83
N GLY B 80 1.33 4.75 23.88
CA GLY B 80 2.11 4.83 25.10
C GLY B 80 3.12 5.97 25.09
N VAL B 81 3.44 6.42 23.88
CA VAL B 81 4.39 7.52 23.70
C VAL B 81 3.76 8.80 24.23
N PRO B 82 4.42 9.44 25.19
CA PRO B 82 3.97 10.71 25.78
C PRO B 82 3.93 11.86 24.78
N ALA B 83 3.06 12.83 25.03
CA ALA B 83 2.82 13.94 24.10
C ALA B 83 4.03 14.85 23.88
N ARG B 84 4.99 14.80 24.79
CA ARG B 84 6.19 15.64 24.71
C ARG B 84 7.00 15.36 23.44
N PHE B 85 6.70 14.25 22.78
CA PHE B 85 7.41 13.86 21.56
C PHE B 85 6.67 14.28 20.32
N SER B 86 7.42 14.58 19.26
CA SER B 86 6.83 14.96 17.99
C SER B 86 7.85 14.78 16.88
N GLY B 87 7.36 14.68 15.65
CA GLY B 87 8.21 14.60 14.49
C GLY B 87 7.74 15.53 13.39
N SER B 88 8.68 15.98 12.56
CA SER B 88 8.35 16.84 11.41
C SER B 88 9.37 16.65 10.30
N GLY B 89 9.04 17.17 9.12
CA GLY B 89 9.99 17.14 8.02
C GLY B 89 9.38 16.64 6.74
N SER B 90 10.20 16.58 5.70
CA SER B 90 9.77 16.05 4.40
C SER B 90 10.99 15.83 3.52
N GLY B 91 10.81 15.07 2.45
CA GLY B 91 11.87 14.84 1.49
C GLY B 91 13.08 14.15 2.07
N THR B 92 14.14 14.90 2.29
CA THR B 92 15.38 14.34 2.80
C THR B 92 15.78 14.95 4.14
N SER B 93 14.83 15.57 4.83
CA SER B 93 15.16 16.20 6.10
C SER B 93 14.02 16.06 7.11
N TYR B 94 14.26 15.27 8.15
CA TYR B 94 13.27 14.99 9.19
C TYR B 94 13.89 15.23 10.56
N SER B 95 13.04 15.30 11.57
CA SER B 95 13.52 15.60 12.92
C SER B 95 12.54 15.17 14.00
N LEU B 96 13.08 14.66 15.10
CA LEU B 96 12.31 14.32 16.28
C LEU B 96 12.55 15.41 17.31
N THR B 97 11.48 15.90 17.92
CA THR B 97 11.60 16.96 18.91
C THR B 97 11.00 16.55 20.24
N ILE B 98 11.74 16.77 21.33
CA ILE B 98 11.19 16.58 22.66
C ILE B 98 10.98 17.95 23.29
N SER B 99 9.71 18.30 23.49
CA SER B 99 9.37 19.62 24.01
C SER B 99 10.01 19.88 25.37
N SER B 100 9.83 18.93 26.28
CA SER B 100 10.40 19.04 27.61
C SER B 100 10.94 17.70 28.03
N VAL B 101 12.26 17.55 27.97
CA VAL B 101 12.92 16.30 28.25
C VAL B 101 12.71 15.84 29.69
N GLU B 102 12.42 14.56 29.85
CA GLU B 102 12.36 13.95 31.18
C GLU B 102 13.54 12.98 31.35
N ALA B 103 13.84 12.63 32.60
CA ALA B 103 14.95 11.73 32.88
C ALA B 103 14.72 10.35 32.27
N GLU B 104 13.46 9.97 32.10
CA GLU B 104 13.12 8.67 31.54
C GLU B 104 13.34 8.60 30.03
N ASP B 105 13.71 9.72 29.42
CA ASP B 105 13.92 9.78 27.98
C ASP B 105 15.37 9.53 27.61
N ALA B 106 16.13 9.00 28.56
CA ALA B 106 17.53 8.67 28.31
C ALA B 106 17.59 7.40 27.50
N ALA B 107 17.86 7.54 26.20
CA ALA B 107 17.91 6.39 25.31
C ALA B 107 18.53 6.77 23.98
N THR B 108 18.56 5.81 23.07
CA THR B 108 19.04 6.05 21.72
C THR B 108 17.85 6.04 20.77
N TYR B 109 17.82 7.02 19.87
CA TYR B 109 16.71 7.19 18.94
C TYR B 109 17.16 6.97 17.51
N TYR B 110 16.52 6.01 16.84
CA TYR B 110 16.86 5.65 15.47
C TYR B 110 15.72 6.00 14.51
N CYS B 111 16.05 6.72 13.46
CA CYS B 111 15.09 6.95 12.39
C CYS B 111 15.19 5.85 11.35
N GLN B 112 14.08 5.57 10.67
CA GLN B 112 14.06 4.51 9.67
C GLN B 112 13.08 4.80 8.54
N GLN B 113 13.52 4.59 7.30
CA GLN B 113 12.66 4.75 6.14
C GLN B 113 12.11 3.40 5.67
N PHE B 114 10.83 3.38 5.32
CA PHE B 114 10.18 2.18 4.80
C PHE B 114 9.69 2.49 3.40
N SER B 115 10.34 3.46 2.77
CA SER B 115 9.96 3.93 1.45
C SER B 115 10.40 2.97 0.35
N GLY B 116 11.66 2.58 0.38
CA GLY B 116 12.20 1.70 -0.63
C GLY B 116 13.11 0.62 -0.06
N TYR B 117 13.30 -0.45 -0.83
CA TYR B 117 14.20 -1.52 -0.43
C TYR B 117 15.59 -1.31 -1.03
N PRO B 118 16.64 -1.58 -0.24
CA PRO B 118 16.56 -2.18 1.09
C PRO B 118 16.17 -1.15 2.16
N LEU B 119 15.51 -1.62 3.20
CA LEU B 119 15.14 -0.80 4.34
C LEU B 119 16.39 -0.36 5.06
N THR B 120 16.44 0.91 5.43
CA THR B 120 17.61 1.45 6.13
C THR B 120 17.25 2.20 7.41
N PHE B 121 18.08 2.04 8.43
CA PHE B 121 17.96 2.79 9.68
C PHE B 121 19.01 3.88 9.72
N GLY B 122 18.80 4.87 10.57
CA GLY B 122 19.75 5.94 10.73
C GLY B 122 20.85 5.53 11.68
N SER B 123 21.94 6.30 11.70
CA SER B 123 23.07 6.06 12.59
C SER B 123 22.67 6.14 14.06
N GLY B 124 21.53 6.77 14.34
CA GLY B 124 21.02 6.86 15.70
C GLY B 124 21.56 8.06 16.44
N THR B 125 20.81 8.51 17.45
CA THR B 125 21.23 9.61 18.31
C THR B 125 20.94 9.26 19.77
N LYS B 126 21.95 9.41 20.61
CA LYS B 126 21.88 8.95 21.99
C LYS B 126 21.67 10.10 22.97
N LEU B 127 20.60 10.03 23.75
CA LEU B 127 20.35 11.02 24.79
C LEU B 127 21.04 10.65 26.08
N GLU B 128 21.82 11.59 26.60
CA GLU B 128 22.43 11.42 27.90
C GLU B 128 22.12 12.59 28.82
N MET B 129 22.02 12.31 30.11
CA MET B 129 21.66 13.32 31.10
C MET B 129 22.86 14.13 31.56
N LYS B 130 22.61 15.34 32.03
CA LYS B 130 23.68 16.17 32.59
C LYS B 130 23.65 16.18 34.11
N ARG B 131 24.76 16.61 34.71
CA ARG B 131 24.84 16.79 36.15
C ARG B 131 26.01 17.71 36.44
N ALA B 132 26.10 18.14 37.70
CA ALA B 132 27.23 18.94 38.16
C ALA B 132 28.52 18.15 37.94
N ASP B 133 29.58 18.84 37.52
CA ASP B 133 30.85 18.18 37.25
C ASP B 133 31.41 17.51 38.49
N ALA B 134 31.77 16.24 38.36
CA ALA B 134 32.28 15.48 39.48
C ALA B 134 33.70 15.03 39.22
N ALA B 135 34.56 15.17 40.22
CA ALA B 135 35.93 14.68 40.10
C ALA B 135 35.95 13.19 40.45
N PRO B 136 36.80 12.43 39.74
CA PRO B 136 36.86 10.98 39.93
C PRO B 136 37.62 10.59 41.20
N THR B 137 37.13 9.58 41.91
CA THR B 137 37.87 9.00 43.01
C THR B 137 38.78 7.91 42.45
N VAL B 138 40.09 8.13 42.49
CA VAL B 138 41.05 7.23 41.86
C VAL B 138 41.65 6.21 42.84
N SER B 139 41.90 5.01 42.35
CA SER B 139 42.56 3.98 43.16
C SER B 139 43.40 3.06 42.26
N ILE B 140 44.67 2.89 42.64
CA ILE B 140 45.59 2.09 41.84
C ILE B 140 45.84 0.72 42.48
N PHE B 141 45.97 -0.30 41.64
CA PHE B 141 46.19 -1.65 42.13
C PHE B 141 47.42 -2.25 41.47
N PRO B 142 48.25 -2.95 42.27
CA PRO B 142 49.43 -3.66 41.77
C PRO B 142 49.09 -5.08 41.31
N PRO B 143 49.89 -5.66 40.40
CA PRO B 143 49.68 -7.03 39.95
C PRO B 143 49.53 -8.00 41.12
N SER B 144 48.57 -8.90 41.02
CA SER B 144 48.36 -9.93 42.04
C SER B 144 49.50 -10.94 42.01
N SER B 145 49.66 -11.69 43.10
CA SER B 145 50.66 -12.74 43.17
C SER B 145 50.36 -13.88 42.20
N GLU B 146 49.07 -14.13 41.97
CA GLU B 146 48.62 -15.16 41.04
C GLU B 146 49.10 -14.86 39.62
N GLN B 147 48.88 -13.63 39.18
CA GLN B 147 49.28 -13.24 37.83
C GLN B 147 50.79 -13.30 37.65
N LEU B 148 51.53 -12.83 38.65
CA LEU B 148 52.98 -12.86 38.63
C LEU B 148 53.52 -14.27 38.47
N THR B 149 52.91 -15.22 39.17
CA THR B 149 53.30 -16.62 39.08
C THR B 149 53.05 -17.15 37.66
N SER B 150 52.05 -16.59 37.00
CA SER B 150 51.71 -16.98 35.63
C SER B 150 52.74 -16.45 34.65
N GLY B 151 53.39 -15.35 35.01
CA GLY B 151 54.43 -14.76 34.18
C GLY B 151 54.05 -13.42 33.61
N GLY B 152 52.88 -12.91 34.01
CA GLY B 152 52.41 -11.62 33.55
C GLY B 152 52.25 -10.62 34.69
N ALA B 153 52.02 -9.36 34.32
CA ALA B 153 51.89 -8.31 35.31
C ALA B 153 51.00 -7.17 34.81
N SER B 154 49.79 -7.09 35.34
CA SER B 154 48.88 -6.01 35.00
C SER B 154 48.64 -5.06 36.16
N VAL B 155 48.93 -3.79 35.93
CA VAL B 155 48.63 -2.74 36.88
C VAL B 155 47.30 -2.09 36.49
N VAL B 156 46.35 -2.12 37.41
CA VAL B 156 45.00 -1.64 37.15
C VAL B 156 44.78 -0.31 37.86
N CYS B 157 44.11 0.62 37.17
CA CYS B 157 43.78 1.92 37.74
C CYS B 157 42.28 2.17 37.58
N PHE B 158 41.60 2.42 38.70
CA PHE B 158 40.17 2.71 38.66
C PHE B 158 39.91 4.20 38.86
N LEU B 159 38.94 4.74 38.14
CA LEU B 159 38.59 6.14 38.24
C LEU B 159 37.07 6.23 38.29
N ASN B 160 36.52 6.36 39.50
CA ASN B 160 35.08 6.14 39.67
C ASN B 160 34.23 7.37 39.92
N ASN B 161 33.02 7.33 39.38
CA ASN B 161 32.01 8.38 39.56
C ASN B 161 32.47 9.80 39.24
N PHE B 162 32.68 10.08 37.96
CA PHE B 162 33.02 11.41 37.54
C PHE B 162 32.09 11.87 36.42
N TYR B 163 32.18 13.15 36.07
CA TYR B 163 31.40 13.73 34.99
C TYR B 163 32.09 15.02 34.52
N PRO B 164 32.15 15.23 33.18
CA PRO B 164 31.58 14.41 32.12
C PRO B 164 32.42 13.19 31.77
N LYS B 165 31.95 12.41 30.79
CA LYS B 165 32.52 11.11 30.45
C LYS B 165 33.99 11.16 30.06
N ASP B 166 34.38 12.17 29.29
CA ASP B 166 35.74 12.23 28.80
C ASP B 166 36.73 12.46 29.94
N ILE B 167 37.80 11.69 29.92
CA ILE B 167 38.83 11.78 30.94
C ILE B 167 40.13 11.22 30.36
N ASN B 168 41.27 11.71 30.85
CA ASN B 168 42.54 11.29 30.28
C ASN B 168 43.48 10.71 31.33
N VAL B 169 43.65 9.40 31.30
CA VAL B 169 44.54 8.71 32.22
C VAL B 169 45.94 8.63 31.62
N LYS B 170 46.97 8.48 32.47
CA LYS B 170 48.34 8.32 31.98
C LYS B 170 49.18 7.54 32.98
N TRP B 171 50.08 6.70 32.46
CA TRP B 171 50.90 5.82 33.29
C TRP B 171 52.35 6.27 33.36
N LYS B 172 52.91 6.18 34.56
CA LYS B 172 54.31 6.50 34.78
C LYS B 172 55.01 5.37 35.53
N ILE B 173 56.12 4.88 34.98
CA ILE B 173 56.96 3.93 35.68
C ILE B 173 58.31 4.59 35.98
N ASP B 174 58.67 4.66 37.26
CA ASP B 174 59.83 5.44 37.70
C ASP B 174 59.79 6.86 37.15
N GLY B 175 58.68 7.55 37.39
CA GLY B 175 58.53 8.94 36.97
C GLY B 175 58.53 9.15 35.47
N SER B 176 58.66 8.06 34.72
CA SER B 176 58.71 8.12 33.26
C SER B 176 57.43 7.61 32.62
N GLU B 177 56.89 8.38 31.68
CA GLU B 177 55.62 8.06 31.06
C GLU B 177 55.69 6.80 30.21
N ARG B 178 54.71 5.92 30.37
CA ARG B 178 54.58 4.73 29.54
C ARG B 178 53.23 4.74 28.85
N GLN B 179 53.23 4.45 27.55
CA GLN B 179 52.01 4.63 26.77
C GLN B 179 51.54 3.38 26.00
N ASN B 180 51.98 2.20 26.42
CA ASN B 180 51.57 0.96 25.75
C ASN B 180 50.99 -0.11 26.69
N GLY B 181 50.47 -1.20 26.11
CA GLY B 181 49.96 -2.31 26.90
C GLY B 181 48.87 -1.87 27.84
N VAL B 182 48.11 -0.88 27.39
CA VAL B 182 47.07 -0.29 28.20
C VAL B 182 45.69 -0.47 27.56
N LEU B 183 44.74 -0.97 28.35
CA LEU B 183 43.36 -1.11 27.95
C LEU B 183 42.50 -0.20 28.81
N ASN B 184 41.91 0.81 28.19
CA ASN B 184 40.94 1.68 28.86
C ASN B 184 39.52 1.20 28.60
N SER B 185 38.64 1.35 29.59
CA SER B 185 37.24 0.98 29.43
C SER B 185 36.30 1.84 30.27
N TRP B 186 35.44 2.60 29.59
CA TRP B 186 34.44 3.42 30.25
C TRP B 186 33.16 2.63 30.49
N THR B 187 32.38 3.06 31.47
CA THR B 187 31.06 2.51 31.69
C THR B 187 30.03 3.44 31.07
N ASP B 188 28.83 2.94 30.82
CA ASP B 188 27.79 3.81 30.29
C ASP B 188 27.29 4.64 31.46
N GLN B 189 26.56 5.71 31.16
CA GLN B 189 26.10 6.63 32.18
C GLN B 189 25.23 5.91 33.21
N ASP B 190 25.57 6.07 34.48
CA ASP B 190 24.81 5.47 35.56
C ASP B 190 23.36 5.96 35.56
N SER B 191 22.43 5.07 35.89
CA SER B 191 21.01 5.39 35.89
C SER B 191 20.59 6.28 37.07
N LYS B 192 21.44 6.41 38.07
CA LYS B 192 21.11 7.18 39.26
C LYS B 192 21.90 8.49 39.36
N ASP B 193 23.17 8.39 39.72
CA ASP B 193 23.99 9.58 39.90
C ASP B 193 24.43 10.21 38.58
N SER B 194 24.05 9.59 37.47
CA SER B 194 24.35 10.09 36.13
C SER B 194 25.84 10.32 35.89
N THR B 195 26.68 9.53 36.56
CA THR B 195 28.12 9.69 36.43
C THR B 195 28.72 8.64 35.50
N TYR B 196 30.03 8.70 35.34
CA TYR B 196 30.73 7.72 34.51
C TYR B 196 31.89 7.11 35.29
N SER B 197 32.47 6.05 34.76
CA SER B 197 33.62 5.40 35.38
C SER B 197 34.51 4.81 34.29
N MET B 198 35.82 4.91 34.47
CA MET B 198 36.78 4.39 33.50
C MET B 198 37.83 3.55 34.20
N SER B 199 38.28 2.50 33.54
CA SER B 199 39.29 1.62 34.10
C SER B 199 40.48 1.50 33.14
N SER B 200 41.65 1.95 33.58
CA SER B 200 42.86 1.81 32.79
C SER B 200 43.67 0.62 33.29
N THR B 201 44.24 -0.15 32.36
CA THR B 201 44.98 -1.35 32.74
C THR B 201 46.29 -1.49 31.97
N LEU B 202 47.38 -1.11 32.62
CA LEU B 202 48.71 -1.26 32.06
C LEU B 202 49.17 -2.72 32.19
N THR B 203 49.47 -3.35 31.06
CA THR B 203 49.89 -4.75 31.08
C THR B 203 51.36 -4.92 30.69
N LEU B 204 52.13 -5.47 31.60
CA LEU B 204 53.55 -5.75 31.36
C LEU B 204 53.82 -7.23 31.56
N THR B 205 55.02 -7.68 31.19
CA THR B 205 55.46 -9.02 31.56
C THR B 205 56.11 -8.95 32.95
N LYS B 206 56.17 -10.06 33.66
CA LYS B 206 56.72 -10.09 35.02
C LYS B 206 58.11 -9.45 35.14
N ASP B 207 58.90 -9.54 34.05
CA ASP B 207 60.26 -9.01 34.04
C ASP B 207 60.33 -7.48 34.19
N GLU B 208 59.94 -6.73 33.14
CA GLU B 208 60.01 -5.27 33.19
C GLU B 208 59.16 -4.69 34.32
N TYR B 209 58.25 -5.49 34.85
CA TYR B 209 57.54 -5.12 36.06
C TYR B 209 58.49 -5.14 37.27
N GLU B 210 59.40 -6.11 37.27
CA GLU B 210 60.34 -6.28 38.38
C GLU B 210 61.65 -5.52 38.16
N ARG B 211 61.87 -5.09 36.92
CA ARG B 211 63.03 -4.27 36.60
C ARG B 211 62.83 -2.82 37.07
N HIS B 212 61.62 -2.50 37.53
CA HIS B 212 61.35 -1.21 38.14
C HIS B 212 60.59 -1.37 39.45
N ASN B 213 60.12 -0.26 40.01
CA ASN B 213 59.55 -0.27 41.37
C ASN B 213 58.38 0.69 41.49
N SER B 214 58.56 1.87 40.92
CA SER B 214 57.56 2.94 41.05
C SER B 214 56.51 2.96 39.94
N TYR B 215 55.25 2.83 40.35
CA TYR B 215 54.14 2.81 39.41
C TYR B 215 53.10 3.88 39.70
N THR B 216 52.71 4.61 38.66
CA THR B 216 51.87 5.77 38.83
C THR B 216 50.84 5.88 37.71
N CYS B 217 49.62 6.24 38.08
CA CYS B 217 48.65 6.72 37.11
C CYS B 217 48.04 8.01 37.63
N GLU B 218 47.91 9.01 36.77
CA GLU B 218 47.16 10.18 37.18
C GLU B 218 46.05 10.59 36.23
N ALA B 219 45.03 11.20 36.81
CA ALA B 219 43.79 11.49 36.12
C ALA B 219 43.69 12.95 35.73
N THR B 220 43.83 13.22 34.43
CA THR B 220 43.59 14.54 33.91
C THR B 220 42.12 14.67 33.53
N HIS B 221 41.38 15.45 34.31
CA HIS B 221 39.95 15.65 34.10
C HIS B 221 39.66 17.14 34.24
N LYS B 222 38.56 17.61 33.66
CA LYS B 222 38.26 19.04 33.66
C LYS B 222 37.94 19.60 35.04
N THR B 223 37.57 18.73 35.97
CA THR B 223 37.16 19.16 37.29
C THR B 223 38.32 19.75 38.11
N SER B 224 39.53 19.69 37.56
CA SER B 224 40.69 20.28 38.21
C SER B 224 41.81 20.58 37.22
N THR B 225 42.59 21.61 37.52
CA THR B 225 43.72 21.98 36.68
C THR B 225 44.87 21.01 36.93
N SER B 226 44.91 20.46 38.14
CA SER B 226 45.94 19.51 38.54
C SER B 226 45.41 18.09 38.43
N PRO B 227 46.21 17.19 37.85
CA PRO B 227 45.82 15.78 37.70
C PRO B 227 45.79 15.07 39.06
N ILE B 228 44.82 14.18 39.25
CA ILE B 228 44.75 13.38 40.47
C ILE B 228 45.68 12.19 40.36
N VAL B 229 46.66 12.12 41.24
CA VAL B 229 47.71 11.11 41.13
C VAL B 229 47.56 9.97 42.14
N LYS B 230 47.82 8.75 41.69
CA LYS B 230 47.88 7.59 42.57
C LYS B 230 49.12 6.77 42.28
N SER B 231 49.91 6.50 43.31
CA SER B 231 51.16 5.76 43.13
C SER B 231 51.32 4.61 44.12
N PHE B 232 52.21 3.69 43.78
CA PHE B 232 52.66 2.66 44.71
C PHE B 232 54.06 2.22 44.33
N ASN B 233 54.80 1.74 45.32
CA ASN B 233 56.13 1.21 45.10
C ASN B 233 56.13 -0.26 45.46
N ARG B 234 57.05 -1.03 44.90
CA ARG B 234 57.15 -2.45 45.20
C ARG B 234 57.89 -2.74 46.51
N ASN B 235 57.74 -1.84 47.48
CA ASN B 235 58.34 -2.04 48.81
C ASN B 235 57.48 -1.44 49.92
N GLU B 236 56.20 -1.79 49.96
CA GLU B 236 55.30 -1.33 51.02
C GLU B 236 54.03 -2.18 51.07
N GLU C 20 0.13 -9.16 25.40
CA GLU C 20 -0.44 -10.27 24.62
C GLU C 20 0.48 -10.67 23.47
N VAL C 21 0.97 -9.68 22.73
CA VAL C 21 1.88 -9.94 21.62
C VAL C 21 3.27 -10.28 22.16
N GLN C 22 3.86 -11.35 21.66
CA GLN C 22 5.15 -11.81 22.16
C GLN C 22 5.99 -12.51 21.08
N LEU C 23 7.25 -12.08 20.96
CA LEU C 23 8.17 -12.68 20.02
C LEU C 23 9.44 -13.12 20.77
N VAL C 24 9.88 -14.35 20.52
CA VAL C 24 11.08 -14.88 21.17
C VAL C 24 12.05 -15.49 20.15
N GLU C 25 13.20 -14.85 20.00
CA GLU C 25 14.23 -15.34 19.11
C GLU C 25 15.01 -16.48 19.77
N SER C 26 15.29 -17.53 19.01
CA SER C 26 16.08 -18.65 19.49
C SER C 26 17.18 -18.96 18.48
N GLY C 27 18.03 -19.92 18.79
CA GLY C 27 19.23 -20.16 17.99
C GLY C 27 20.27 -19.14 18.38
N GLY C 28 21.27 -18.94 17.54
CA GLY C 28 22.28 -17.94 17.83
C GLY C 28 23.36 -18.45 18.77
N GLY C 29 24.60 -18.05 18.50
CA GLY C 29 25.73 -18.51 19.27
C GLY C 29 27.03 -18.28 18.52
N LEU C 30 28.05 -19.07 18.83
CA LEU C 30 29.35 -18.87 18.22
C LEU C 30 29.49 -19.71 16.95
N VAL C 31 29.98 -19.08 15.89
CA VAL C 31 30.08 -19.69 14.56
C VAL C 31 31.36 -19.22 13.89
N LYS C 32 32.10 -20.15 13.29
CA LYS C 32 33.29 -19.79 12.53
C LYS C 32 32.88 -19.35 11.12
N PRO C 33 33.72 -18.52 10.47
CA PRO C 33 33.50 -18.08 9.09
C PRO C 33 33.12 -19.21 8.15
N GLY C 34 32.19 -18.95 7.24
CA GLY C 34 31.74 -19.95 6.29
C GLY C 34 30.68 -20.85 6.92
N GLY C 35 30.51 -20.73 8.24
CA GLY C 35 29.58 -21.58 8.96
C GLY C 35 28.12 -21.38 8.57
N SER C 36 27.27 -22.25 9.10
CA SER C 36 25.83 -22.19 8.85
C SER C 36 25.06 -22.29 10.15
N LEU C 37 24.07 -21.41 10.33
CA LEU C 37 23.19 -21.48 11.49
C LEU C 37 21.80 -21.01 11.11
N LYS C 38 20.79 -21.53 11.80
CA LYS C 38 19.41 -21.17 11.53
C LYS C 38 18.76 -20.54 12.75
N LEU C 39 18.40 -19.26 12.61
CA LEU C 39 17.72 -18.52 13.67
C LEU C 39 16.21 -18.72 13.58
N SER C 40 15.55 -18.59 14.73
CA SER C 40 14.10 -18.75 14.78
C SER C 40 13.46 -17.68 15.66
N CYS C 41 12.17 -17.43 15.44
CA CYS C 41 11.41 -16.48 16.23
C CYS C 41 9.98 -16.97 16.41
N ALA C 42 9.61 -17.28 17.64
CA ALA C 42 8.27 -17.79 17.93
C ALA C 42 7.33 -16.65 18.28
N ALA C 43 6.22 -16.56 17.54
CA ALA C 43 5.25 -15.50 17.75
C ALA C 43 4.02 -16.03 18.47
N SER C 44 3.43 -15.18 19.31
CA SER C 44 2.21 -15.56 20.02
C SER C 44 1.46 -14.32 20.49
N GLY C 45 0.16 -14.29 20.24
CA GLY C 45 -0.67 -13.18 20.67
C GLY C 45 -1.34 -12.46 19.53
N PHE C 46 -1.21 -13.01 18.33
CA PHE C 46 -1.82 -12.41 17.15
C PHE C 46 -1.86 -13.40 16.00
N THR C 47 -2.71 -13.11 15.01
CA THR C 47 -2.77 -13.93 13.80
C THR C 47 -1.48 -13.75 13.00
N PHE C 48 -0.49 -14.58 13.31
CA PHE C 48 0.82 -14.54 12.69
C PHE C 48 0.78 -14.55 11.16
N SER C 49 -0.24 -15.18 10.60
CA SER C 49 -0.34 -15.35 9.15
C SER C 49 -0.85 -14.10 8.44
N SER C 50 -1.00 -13.01 9.18
CA SER C 50 -1.57 -11.79 8.63
C SER C 50 -0.60 -10.62 8.67
N TYR C 51 0.62 -10.87 9.14
CA TYR C 51 1.62 -9.82 9.26
C TYR C 51 2.93 -10.22 8.60
N ALA C 52 3.49 -9.31 7.81
CA ALA C 52 4.81 -9.53 7.23
C ALA C 52 5.86 -9.40 8.32
N MET C 53 6.73 -10.39 8.41
CA MET C 53 7.79 -10.39 9.42
C MET C 53 9.11 -9.92 8.83
N SER C 54 10.04 -9.53 9.69
CA SER C 54 11.31 -9.00 9.22
C SER C 54 12.45 -9.24 10.20
N TRP C 55 13.63 -9.58 9.67
CA TRP C 55 14.81 -9.73 10.50
C TRP C 55 15.63 -8.45 10.47
N VAL C 56 15.93 -7.92 11.64
CA VAL C 56 16.77 -6.72 11.76
C VAL C 56 17.89 -7.02 12.75
N ARG C 57 19.14 -6.87 12.30
CA ARG C 57 20.27 -7.13 13.17
C ARG C 57 20.84 -5.84 13.73
N GLN C 58 21.54 -5.94 14.85
CA GLN C 58 22.19 -4.80 15.46
C GLN C 58 23.63 -5.10 15.81
N SER C 59 24.54 -4.48 15.08
CA SER C 59 25.97 -4.65 15.32
C SER C 59 26.32 -4.21 16.73
N PRO C 60 27.44 -4.72 17.29
CA PRO C 60 27.84 -4.41 18.66
C PRO C 60 28.04 -2.92 18.95
N GLU C 61 28.24 -2.10 17.93
CA GLU C 61 28.28 -0.65 18.11
C GLU C 61 26.87 -0.02 18.12
N LYS C 62 25.88 -0.84 18.48
CA LYS C 62 24.49 -0.38 18.62
C LYS C 62 23.93 0.26 17.36
N ARG C 63 24.16 -0.38 16.21
CA ARG C 63 23.68 0.15 14.94
C ARG C 63 22.73 -0.80 14.23
N LEU C 64 21.54 -0.32 13.91
CA LEU C 64 20.49 -1.16 13.33
C LEU C 64 20.65 -1.35 11.83
N GLU C 65 20.47 -2.58 11.37
CA GLU C 65 20.56 -2.90 9.95
C GLU C 65 19.50 -3.92 9.57
N TRP C 66 18.59 -3.51 8.69
CA TRP C 66 17.54 -4.40 8.22
C TRP C 66 18.14 -5.51 7.38
N VAL C 67 17.71 -6.76 7.63
CA VAL C 67 18.29 -7.90 6.95
C VAL C 67 17.37 -8.44 5.87
N ALA C 68 16.15 -8.78 6.25
CA ALA C 68 15.21 -9.43 5.33
C ALA C 68 13.76 -9.22 5.75
N GLU C 69 12.86 -9.21 4.78
CA GLU C 69 11.43 -9.12 5.05
C GLU C 69 10.69 -10.25 4.35
N ILE C 70 9.69 -10.81 5.00
CA ILE C 70 8.87 -11.85 4.39
C ILE C 70 7.40 -11.53 4.54
N SER C 71 6.65 -11.62 3.45
CA SER C 71 5.23 -11.29 3.46
C SER C 71 4.46 -12.29 4.31
N SER C 72 3.18 -12.00 4.54
CA SER C 72 2.36 -12.84 5.40
C SER C 72 2.20 -14.25 4.86
N GLY C 73 2.33 -14.41 3.55
CA GLY C 73 2.17 -15.71 2.92
C GLY C 73 3.46 -16.25 2.32
N GLY C 74 4.55 -15.54 2.53
CA GLY C 74 5.86 -15.97 2.07
C GLY C 74 6.05 -15.86 0.56
N ARG C 75 5.11 -15.20 -0.10
CA ARG C 75 5.18 -15.04 -1.54
C ARG C 75 5.93 -13.77 -1.96
N TYR C 76 6.38 -13.02 -0.97
CA TYR C 76 7.14 -11.79 -1.22
C TYR C 76 8.34 -11.65 -0.27
N ILE C 77 9.54 -11.85 -0.82
CA ILE C 77 10.76 -11.84 -0.03
C ILE C 77 11.70 -10.70 -0.46
N TYR C 78 12.29 -10.02 0.52
CA TYR C 78 13.26 -8.96 0.24
C TYR C 78 14.49 -9.13 1.13
N TYR C 79 15.68 -8.95 0.54
CA TYR C 79 16.94 -9.06 1.28
C TYR C 79 17.78 -7.81 1.13
N SER C 80 18.66 -7.57 2.11
CA SER C 80 19.62 -6.48 2.01
C SER C 80 20.80 -6.93 1.16
N ASP C 81 21.57 -5.96 0.67
CA ASP C 81 22.65 -6.25 -0.26
C ASP C 81 23.76 -7.06 0.40
N THR C 82 23.99 -6.80 1.67
CA THR C 82 25.07 -7.43 2.40
C THR C 82 24.71 -8.84 2.86
N VAL C 83 23.51 -9.28 2.51
CA VAL C 83 22.98 -10.52 3.05
C VAL C 83 22.42 -11.41 1.93
N THR C 84 21.93 -10.77 0.88
CA THR C 84 21.34 -11.49 -0.25
C THR C 84 22.28 -12.56 -0.79
N GLY C 85 21.68 -13.68 -1.22
CA GLY C 85 22.44 -14.79 -1.76
C GLY C 85 23.03 -15.72 -0.72
N ARG C 86 23.02 -15.30 0.54
CA ARG C 86 23.60 -16.09 1.64
C ARG C 86 22.53 -16.48 2.67
N PHE C 87 21.67 -15.54 3.04
CA PHE C 87 20.62 -15.83 4.02
C PHE C 87 19.32 -16.21 3.31
N THR C 88 18.45 -16.92 4.02
CA THR C 88 17.17 -17.36 3.47
C THR C 88 16.09 -17.24 4.52
N ILE C 89 15.19 -16.29 4.35
CA ILE C 89 14.12 -16.10 5.32
C ILE C 89 12.95 -17.02 5.00
N SER C 90 12.31 -17.55 6.04
CA SER C 90 11.35 -18.62 5.88
C SER C 90 10.22 -18.45 6.88
N ARG C 91 9.06 -19.01 6.58
CA ARG C 91 7.90 -18.82 7.43
C ARG C 91 7.16 -20.13 7.66
N ASP C 92 6.60 -20.28 8.85
CA ASP C 92 5.74 -21.42 9.16
C ASP C 92 4.48 -20.91 9.87
N ASN C 93 3.43 -20.69 9.08
CA ASN C 93 2.19 -20.13 9.62
C ASN C 93 1.36 -21.17 10.35
N ALA C 94 1.79 -22.42 10.25
CA ALA C 94 1.12 -23.52 10.92
C ALA C 94 1.51 -23.54 12.39
N ARG C 95 2.80 -23.41 12.65
CA ARG C 95 3.31 -23.45 14.02
C ARG C 95 3.73 -22.06 14.53
N ASN C 96 3.44 -21.03 13.72
CA ASN C 96 3.77 -19.64 14.07
C ASN C 96 5.28 -19.39 14.26
N ILE C 97 6.08 -19.69 13.23
CA ILE C 97 7.54 -19.54 13.36
C ILE C 97 8.20 -18.74 12.22
N LEU C 98 8.96 -17.71 12.58
CA LEU C 98 9.78 -16.98 11.62
C LEU C 98 11.18 -17.58 11.63
N HIS C 99 11.67 -17.97 10.47
CA HIS C 99 12.98 -18.60 10.35
C HIS C 99 13.96 -17.70 9.62
N LEU C 100 15.24 -17.98 9.81
CA LEU C 100 16.29 -17.28 9.07
C LEU C 100 17.52 -18.17 9.01
N GLU C 101 17.67 -18.87 7.89
CA GLU C 101 18.80 -19.75 7.71
C GLU C 101 19.94 -18.95 7.11
N MET C 102 21.10 -19.06 7.73
CA MET C 102 22.26 -18.29 7.30
C MET C 102 23.35 -19.26 6.86
N SER C 103 24.16 -18.82 5.90
CA SER C 103 25.24 -19.65 5.39
C SER C 103 26.33 -18.71 4.90
N SER C 104 27.54 -19.25 4.75
CA SER C 104 28.69 -18.45 4.34
C SER C 104 28.87 -17.26 5.27
N LEU C 105 28.66 -17.51 6.56
CA LEU C 105 28.66 -16.45 7.57
C LEU C 105 30.01 -15.74 7.66
N ARG C 106 29.97 -14.43 7.49
CA ARG C 106 31.17 -13.62 7.63
C ARG C 106 31.15 -12.94 8.99
N SER C 107 32.30 -12.45 9.42
CA SER C 107 32.43 -11.84 10.74
C SER C 107 31.50 -10.63 10.92
N GLU C 108 31.16 -9.96 9.82
CA GLU C 108 30.30 -8.79 9.86
C GLU C 108 28.86 -9.16 10.23
N ASP C 109 28.51 -10.43 10.07
CA ASP C 109 27.17 -10.87 10.39
C ASP C 109 26.95 -10.90 11.89
N THR C 110 28.03 -10.75 12.65
CA THR C 110 27.97 -10.71 14.11
C THR C 110 27.10 -9.57 14.60
N ALA C 111 25.98 -9.92 15.23
CA ALA C 111 25.02 -8.92 15.69
C ALA C 111 23.93 -9.55 16.56
N MET C 112 23.17 -8.69 17.22
CA MET C 112 21.94 -9.13 17.89
C MET C 112 20.83 -9.16 16.86
N TYR C 113 20.41 -10.36 16.46
CA TYR C 113 19.36 -10.49 15.45
C TYR C 113 17.96 -10.39 16.05
N TYR C 114 17.26 -9.33 15.69
CA TYR C 114 15.91 -9.09 16.19
C TYR C 114 14.84 -9.58 15.23
N CYS C 115 13.81 -10.21 15.79
CA CYS C 115 12.61 -10.57 15.05
C CYS C 115 11.60 -9.45 15.22
N ALA C 116 11.32 -8.72 14.15
CA ALA C 116 10.38 -7.61 14.24
C ALA C 116 9.29 -7.73 13.20
N ARG C 117 8.09 -7.25 13.52
CA ARG C 117 7.01 -7.34 12.55
C ARG C 117 6.60 -6.00 11.95
N GLY C 118 6.29 -6.01 10.65
CA GLY C 118 5.94 -4.79 9.95
C GLY C 118 5.05 -5.06 8.75
N GLU C 119 3.75 -5.17 9.00
CA GLU C 119 2.80 -5.40 7.92
C GLU C 119 2.52 -4.14 7.12
N VAL C 120 2.26 -3.04 7.82
CA VAL C 120 1.99 -1.76 7.17
C VAL C 120 3.29 -0.97 7.03
N ARG C 121 3.75 -0.77 5.79
CA ARG C 121 4.97 -0.01 5.56
C ARG C 121 4.86 1.41 6.10
N GLN C 122 3.64 1.94 6.13
CA GLN C 122 3.41 3.28 6.66
C GLN C 122 3.36 3.32 8.19
N ARG C 123 3.74 2.22 8.84
CA ARG C 123 3.74 2.19 10.30
C ARG C 123 5.02 1.63 10.91
N GLY C 124 5.89 1.06 10.08
CA GLY C 124 7.14 0.51 10.56
C GLY C 124 6.97 -0.72 11.45
N PHE C 125 8.01 -1.03 12.22
CA PHE C 125 8.04 -2.25 13.03
C PHE C 125 7.46 -2.04 14.42
N ASP C 126 6.19 -2.39 14.58
CA ASP C 126 5.46 -2.11 15.82
C ASP C 126 5.81 -3.05 16.98
N TYR C 127 6.41 -4.19 16.67
CA TYR C 127 6.76 -5.17 17.70
C TYR C 127 8.10 -5.81 17.45
N TRP C 128 8.97 -5.79 18.47
CA TRP C 128 10.32 -6.36 18.37
C TRP C 128 10.52 -7.48 19.38
N GLY C 129 11.19 -8.54 18.96
CA GLY C 129 11.51 -9.64 19.86
C GLY C 129 12.61 -9.27 20.83
N GLN C 130 12.96 -10.20 21.73
CA GLN C 130 14.00 -9.95 22.71
C GLN C 130 15.38 -9.97 22.05
N GLY C 131 15.48 -10.67 20.93
CA GLY C 131 16.73 -10.76 20.20
C GLY C 131 17.52 -12.01 20.54
N THR C 132 18.42 -12.40 19.64
CA THR C 132 19.36 -13.47 19.91
C THR C 132 20.73 -13.08 19.37
N THR C 133 21.78 -13.44 20.10
CA THR C 133 23.12 -12.99 19.73
C THR C 133 23.84 -13.99 18.83
N LEU C 134 24.41 -13.48 17.75
CA LEU C 134 25.23 -14.28 16.86
C LEU C 134 26.63 -13.70 16.80
N THR C 135 27.62 -14.55 17.08
CA THR C 135 29.01 -14.12 16.98
C THR C 135 29.73 -14.93 15.93
N VAL C 136 30.27 -14.25 14.93
CA VAL C 136 31.04 -14.90 13.89
C VAL C 136 32.51 -14.52 14.04
N SER C 137 33.29 -15.45 14.59
CA SER C 137 34.71 -15.19 14.84
C SER C 137 35.56 -16.44 14.67
N SER C 138 36.82 -16.25 14.32
CA SER C 138 37.77 -17.36 14.25
C SER C 138 38.63 -17.44 15.51
N ALA C 139 38.30 -16.62 16.50
CA ALA C 139 39.02 -16.61 17.77
C ALA C 139 38.77 -17.89 18.58
N LYS C 140 39.79 -18.30 19.34
CA LYS C 140 39.76 -19.56 20.07
C LYS C 140 39.15 -19.41 21.46
N THR C 141 38.12 -20.21 21.74
CA THR C 141 37.43 -20.16 23.03
C THR C 141 38.39 -20.45 24.18
N THR C 142 38.77 -19.41 24.93
CA THR C 142 39.67 -19.59 26.07
C THR C 142 38.98 -19.29 27.39
N ALA C 143 39.47 -19.89 28.46
CA ALA C 143 38.96 -19.62 29.80
C ALA C 143 39.65 -18.39 30.39
N PRO C 144 38.90 -17.60 31.19
CA PRO C 144 39.46 -16.37 31.78
C PRO C 144 40.40 -16.65 32.94
N SER C 145 41.28 -15.70 33.24
CA SER C 145 42.10 -15.74 34.45
C SER C 145 41.55 -14.69 35.42
N VAL C 146 41.10 -15.14 36.58
CA VAL C 146 40.52 -14.23 37.57
C VAL C 146 41.55 -13.80 38.59
N TYR C 147 41.90 -12.51 38.56
CA TYR C 147 42.91 -11.98 39.45
C TYR C 147 42.31 -11.08 40.53
N PRO C 148 42.65 -11.33 41.81
CA PRO C 148 42.15 -10.50 42.91
C PRO C 148 42.91 -9.19 42.97
N LEU C 149 42.18 -8.07 42.97
CA LEU C 149 42.80 -6.77 43.04
C LEU C 149 42.65 -6.15 44.42
N ALA C 150 43.69 -6.30 45.23
CA ALA C 150 43.72 -5.73 46.57
C ALA C 150 44.76 -4.63 46.62
N PRO C 151 44.47 -3.55 47.37
CA PRO C 151 45.43 -2.47 47.58
C PRO C 151 46.46 -2.91 48.60
N VAL C 152 47.64 -2.31 48.63
CA VAL C 152 48.04 -1.25 47.72
C VAL C 152 49.51 -1.45 47.33
N CYS C 153 50.28 -2.05 48.26
CA CYS C 153 51.69 -2.37 48.04
C CYS C 153 52.47 -1.16 47.54
N GLY C 158 41.41 5.53 55.30
CA GLY C 158 40.32 6.25 54.67
C GLY C 158 38.96 5.83 55.20
N SER C 159 37.93 6.59 54.87
CA SER C 159 36.57 6.30 55.34
C SER C 159 35.97 5.10 54.61
N SER C 160 36.33 4.96 53.33
CA SER C 160 35.85 3.85 52.50
C SER C 160 37.02 3.11 51.84
N VAL C 161 36.79 1.85 51.49
CA VAL C 161 37.80 1.04 50.82
C VAL C 161 37.29 0.54 49.47
N THR C 162 38.16 0.57 48.46
CA THR C 162 37.78 0.12 47.12
C THR C 162 38.59 -1.08 46.68
N LEU C 163 37.88 -2.17 46.39
CA LEU C 163 38.50 -3.41 45.97
C LEU C 163 38.22 -3.63 44.48
N GLY C 164 38.92 -4.60 43.88
CA GLY C 164 38.76 -4.86 42.45
C GLY C 164 38.89 -6.31 42.08
N CYS C 165 38.56 -6.62 40.82
CA CYS C 165 38.66 -7.97 40.30
C CYS C 165 38.97 -7.91 38.81
N LEU C 166 40.04 -8.58 38.39
CA LEU C 166 40.46 -8.56 36.99
C LEU C 166 40.19 -9.89 36.31
N VAL C 167 39.29 -9.88 35.32
CA VAL C 167 38.97 -11.07 34.54
C VAL C 167 39.67 -10.95 33.19
N LYS C 168 40.72 -11.73 33.00
CA LYS C 168 41.61 -11.51 31.86
C LYS C 168 41.72 -12.68 30.89
N GLY C 169 41.82 -12.37 29.60
CA GLY C 169 42.16 -13.32 28.55
C GLY C 169 41.15 -14.42 28.27
N TYR C 170 39.90 -14.04 28.00
CA TYR C 170 38.87 -15.03 27.72
C TYR C 170 38.17 -14.77 26.38
N PHE C 171 37.41 -15.76 25.92
CA PHE C 171 36.62 -15.63 24.71
C PHE C 171 35.63 -16.79 24.64
N PRO C 172 34.39 -16.50 24.21
CA PRO C 172 33.90 -15.16 23.87
C PRO C 172 33.07 -14.58 25.01
N GLU C 173 32.30 -13.55 24.71
CA GLU C 173 31.37 -12.98 25.67
C GLU C 173 30.21 -13.94 25.86
N PRO C 174 29.58 -13.94 27.04
CA PRO C 174 29.90 -13.04 28.16
C PRO C 174 30.49 -13.78 29.35
N VAL C 175 30.78 -13.02 30.40
CA VAL C 175 31.11 -13.57 31.69
C VAL C 175 30.20 -12.93 32.71
N THR C 176 29.80 -13.70 33.72
CA THR C 176 28.95 -13.18 34.76
C THR C 176 29.78 -12.90 36.01
N LEU C 177 29.89 -11.63 36.37
CA LEU C 177 30.65 -11.23 37.54
C LEU C 177 29.76 -10.66 38.64
N THR C 178 29.76 -11.31 39.80
CA THR C 178 29.11 -10.76 40.98
C THR C 178 30.07 -10.76 42.18
N TRP C 179 29.72 -10.00 43.21
CA TRP C 179 30.49 -10.00 44.44
C TRP C 179 29.66 -10.64 45.55
N ASN C 180 30.32 -11.46 46.37
CA ASN C 180 29.63 -12.18 47.45
C ASN C 180 28.32 -12.82 46.99
N SER C 181 28.41 -13.61 45.93
CA SER C 181 27.26 -14.35 45.40
C SER C 181 26.10 -13.46 44.95
N GLY C 182 26.37 -12.16 44.86
CA GLY C 182 25.35 -11.20 44.44
C GLY C 182 24.63 -10.58 45.62
N SER C 183 25.23 -10.69 46.80
CA SER C 183 24.64 -10.12 48.01
C SER C 183 24.67 -8.60 47.95
N LEU C 184 25.82 -8.05 47.56
CA LEU C 184 25.95 -6.60 47.45
C LEU C 184 25.93 -6.11 46.00
N SER C 185 25.21 -5.04 45.75
CA SER C 185 25.12 -4.48 44.41
C SER C 185 25.60 -3.04 44.43
N SER C 186 25.42 -2.39 45.58
CA SER C 186 25.79 -0.99 45.74
C SER C 186 27.30 -0.81 45.81
N GLY C 187 27.79 0.19 45.07
CA GLY C 187 29.21 0.51 45.09
C GLY C 187 30.00 -0.37 44.14
N VAL C 188 29.31 -1.00 43.20
CA VAL C 188 29.96 -1.88 42.24
C VAL C 188 29.94 -1.28 40.83
N HIS C 189 31.12 -1.22 40.22
CA HIS C 189 31.24 -0.80 38.82
C HIS C 189 31.93 -1.86 37.98
N THR C 190 31.14 -2.60 37.21
CA THR C 190 31.68 -3.61 36.29
C THR C 190 31.90 -3.01 34.91
N PHE C 191 33.14 -3.03 34.45
CA PHE C 191 33.52 -2.39 33.19
C PHE C 191 33.34 -3.33 32.00
N PRO C 192 32.70 -2.84 30.92
CA PRO C 192 32.46 -3.67 29.73
C PRO C 192 33.75 -4.18 29.13
N ALA C 193 33.71 -5.41 28.61
CA ALA C 193 34.90 -6.05 28.09
C ALA C 193 35.41 -5.37 26.83
N VAL C 194 36.71 -5.43 26.62
CA VAL C 194 37.33 -4.87 25.44
C VAL C 194 38.24 -5.92 24.81
N LEU C 195 38.01 -6.20 23.53
CA LEU C 195 38.79 -7.22 22.83
C LEU C 195 40.18 -6.70 22.48
N GLN C 196 41.19 -7.51 22.75
CA GLN C 196 42.57 -7.18 22.38
C GLN C 196 43.31 -8.45 21.95
N SER C 197 43.66 -8.49 20.66
CA SER C 197 44.32 -9.66 20.08
C SER C 197 43.52 -10.95 20.31
N ASP C 198 42.27 -10.92 19.87
CA ASP C 198 41.38 -12.07 19.96
C ASP C 198 41.15 -12.57 21.38
N LEU C 199 41.29 -11.68 22.34
CA LEU C 199 41.07 -12.01 23.75
C LEU C 199 40.36 -10.89 24.50
N TYR C 200 39.40 -11.27 25.34
CA TYR C 200 38.64 -10.30 26.12
C TYR C 200 39.20 -10.12 27.53
N THR C 201 39.23 -8.87 27.98
CA THR C 201 39.63 -8.55 29.35
C THR C 201 38.59 -7.65 29.99
N LEU C 202 38.15 -8.03 31.18
CA LEU C 202 37.09 -7.31 31.90
C LEU C 202 37.54 -7.08 33.34
N SER C 203 37.06 -6.00 33.95
CA SER C 203 37.36 -5.73 35.36
C SER C 203 36.17 -5.14 36.10
N SER C 204 36.15 -5.34 37.41
CA SER C 204 35.11 -4.72 38.24
C SER C 204 35.71 -4.10 39.49
N SER C 205 34.98 -3.15 40.08
CA SER C 205 35.41 -2.53 41.33
C SER C 205 34.25 -2.45 42.32
N VAL C 206 34.53 -2.79 43.57
CA VAL C 206 33.55 -2.64 44.61
C VAL C 206 34.08 -1.72 45.71
N THR C 207 33.23 -0.83 46.19
CA THR C 207 33.61 0.12 47.22
C THR C 207 32.72 -0.04 48.45
N VAL C 208 33.33 -0.44 49.56
CA VAL C 208 32.61 -0.65 50.80
C VAL C 208 33.16 0.25 51.90
N THR C 209 32.53 0.19 53.07
CA THR C 209 33.01 0.93 54.23
C THR C 209 34.30 0.30 54.74
N SER C 210 35.30 1.13 55.03
CA SER C 210 36.63 0.66 55.41
C SER C 210 36.62 -0.29 56.60
N SER C 211 35.52 -0.29 57.35
CA SER C 211 35.34 -1.22 58.47
C SER C 211 34.97 -2.62 57.98
N THR C 212 34.04 -2.70 57.01
CA THR C 212 33.55 -3.96 56.47
C THR C 212 34.66 -4.90 55.97
N TRP C 213 35.70 -4.31 55.38
CA TRP C 213 36.81 -5.09 54.87
C TRP C 213 38.10 -4.66 55.56
N PRO C 214 38.95 -5.62 55.94
CA PRO C 214 38.77 -7.07 55.73
C PRO C 214 38.14 -7.79 56.90
N SER C 215 37.37 -7.07 57.71
CA SER C 215 36.66 -7.68 58.83
C SER C 215 35.73 -8.78 58.32
N GLN C 216 35.09 -8.51 57.20
CA GLN C 216 34.22 -9.49 56.56
C GLN C 216 34.85 -10.00 55.28
N SER C 217 34.14 -10.88 54.58
CA SER C 217 34.69 -11.49 53.37
C SER C 217 34.10 -10.87 52.11
N ILE C 218 34.97 -10.37 51.25
CA ILE C 218 34.57 -9.91 49.93
C ILE C 218 35.07 -10.88 48.87
N THR C 219 34.15 -11.66 48.30
CA THR C 219 34.50 -12.64 47.28
C THR C 219 34.10 -12.18 45.87
N CYS C 220 34.85 -12.67 44.88
CA CYS C 220 34.62 -12.32 43.49
C CYS C 220 34.07 -13.51 42.73
N ASN C 221 32.86 -13.41 42.20
CA ASN C 221 32.24 -14.53 41.51
C ASN C 221 32.21 -14.36 39.98
N VAL C 222 33.12 -15.05 39.31
CA VAL C 222 33.23 -14.97 37.86
C VAL C 222 32.81 -16.29 37.21
N ALA C 223 31.98 -16.21 36.18
CA ALA C 223 31.54 -17.41 35.49
C ALA C 223 31.63 -17.23 33.98
N HIS C 224 32.26 -18.18 33.31
CA HIS C 224 32.36 -18.16 31.86
C HIS C 224 31.74 -19.44 31.30
N PRO C 225 30.45 -19.37 30.92
CA PRO C 225 29.69 -20.52 30.44
C PRO C 225 30.34 -21.21 29.24
N ALA C 226 30.91 -20.43 28.33
CA ALA C 226 31.51 -20.99 27.11
C ALA C 226 32.60 -22.01 27.40
N SER C 227 33.35 -21.79 28.48
CA SER C 227 34.44 -22.69 28.84
C SER C 227 34.09 -23.52 30.06
N SER C 228 32.83 -23.46 30.47
CA SER C 228 32.36 -24.13 31.68
C SER C 228 33.23 -23.76 32.87
N THR C 229 33.48 -22.46 33.04
CA THR C 229 34.35 -21.94 34.09
C THR C 229 33.54 -21.26 35.18
N LYS C 230 33.82 -21.61 36.43
CA LYS C 230 33.23 -20.91 37.57
C LYS C 230 34.30 -20.72 38.64
N VAL C 231 34.81 -19.49 38.75
CA VAL C 231 35.87 -19.19 39.69
C VAL C 231 35.41 -18.22 40.77
N ASP C 232 35.66 -18.58 42.03
CA ASP C 232 35.38 -17.68 43.14
C ASP C 232 36.70 -17.25 43.80
N LYS C 233 37.00 -15.96 43.71
CA LYS C 233 38.24 -15.43 44.27
C LYS C 233 37.97 -14.60 45.52
N LYS C 234 38.82 -14.77 46.53
CA LYS C 234 38.67 -13.99 47.75
C LYS C 234 39.81 -12.97 47.85
N ILE C 235 39.45 -11.74 48.19
CA ILE C 235 40.43 -10.66 48.28
C ILE C 235 41.10 -10.62 49.66
N GLU C 236 42.43 -10.65 49.67
CA GLU C 236 43.19 -10.68 50.92
C GLU C 236 44.11 -9.46 51.07
N PRO C 237 44.07 -8.82 52.25
CA PRO C 237 44.81 -7.60 52.64
C PRO C 237 46.26 -7.55 52.16
N ARG C 238 46.99 -8.66 52.30
CA ARG C 238 48.39 -8.71 51.93
C ARG C 238 48.58 -8.47 50.43
#